data_2KBV
#
_entry.id   2KBV
#
_entity_poly.entity_id   1
_entity_poly.type   'polypeptide(L)'
_entity_poly.pdbx_seq_one_letter_code
;(ACE)KDQFIIAYGGLRGAIAFSLGYLLDKK(NH2)
;
_entity_poly.pdbx_strand_id   A
#
# COMPACT_ATOMS: atom_id res chain seq x y z
N LYS A 2 14.66 -4.77 -4.37
CA LYS A 2 13.29 -5.27 -4.43
C LYS A 2 12.45 -4.64 -3.32
N ASP A 3 13.07 -4.46 -2.16
CA ASP A 3 12.36 -3.87 -1.01
C ASP A 3 12.14 -2.38 -1.24
N GLN A 4 13.19 -1.68 -1.67
CA GLN A 4 13.10 -0.25 -1.92
C GLN A 4 11.88 0.07 -2.78
N PHE A 5 11.31 -0.96 -3.40
CA PHE A 5 10.14 -0.78 -4.25
C PHE A 5 8.86 -0.93 -3.44
N ILE A 6 8.87 -1.86 -2.49
CA ILE A 6 7.70 -2.08 -1.64
C ILE A 6 7.52 -0.94 -0.66
N ILE A 7 8.56 -0.67 0.13
CA ILE A 7 8.51 0.41 1.11
C ILE A 7 8.20 1.74 0.44
N ALA A 8 8.21 1.74 -0.90
CA ALA A 8 7.93 2.95 -1.66
C ALA A 8 6.44 3.06 -1.95
N TYR A 9 5.77 1.92 -2.05
CA TYR A 9 4.34 1.91 -2.34
C TYR A 9 3.65 0.81 -1.54
N GLY A 10 3.92 -0.44 -1.90
CA GLY A 10 3.32 -1.57 -1.21
C GLY A 10 3.29 -1.33 0.30
N GLY A 11 4.26 -0.60 0.80
CA GLY A 11 4.33 -0.29 2.23
C GLY A 11 3.78 1.09 2.53
N LEU A 12 4.30 2.09 1.82
CA LEU A 12 3.85 3.46 2.02
C LEU A 12 2.45 3.65 1.43
N ARG A 13 2.36 3.53 0.10
CA ARG A 13 1.07 3.69 -0.57
C ARG A 13 0.69 5.16 -0.64
N GLY A 14 1.64 6.00 -1.02
CA GLY A 14 1.39 7.43 -1.11
C GLY A 14 0.03 7.70 -1.74
N ALA A 15 -0.50 6.73 -2.46
CA ALA A 15 -1.80 6.87 -3.10
C ALA A 15 -2.84 7.33 -2.09
N ILE A 16 -2.61 7.01 -0.82
CA ILE A 16 -3.54 7.40 0.23
C ILE A 16 -3.14 8.73 0.83
N ALA A 17 -1.85 8.90 1.10
CA ALA A 17 -1.35 10.13 1.68
C ALA A 17 -1.69 11.32 0.79
N PHE A 18 -1.62 11.12 -0.52
CA PHE A 18 -1.93 12.19 -1.47
C PHE A 18 -3.41 12.55 -1.40
N SER A 19 -4.27 11.53 -1.35
CA SER A 19 -5.70 11.75 -1.28
C SER A 19 -6.05 12.60 -0.07
N LEU A 20 -5.46 12.27 1.07
CA LEU A 20 -5.71 13.00 2.30
C LEU A 20 -5.04 14.38 2.25
N GLY A 21 -3.85 14.43 1.66
CA GLY A 21 -3.12 15.69 1.55
C GLY A 21 -3.54 16.45 0.30
N TYR A 22 -4.49 15.88 -0.45
CA TYR A 22 -4.97 16.52 -1.67
C TYR A 22 -6.03 17.56 -1.36
N LEU A 23 -6.76 17.35 -0.26
CA LEU A 23 -7.81 18.27 0.15
C LEU A 23 -7.20 19.55 0.74
N LEU A 24 -6.73 19.44 1.98
CA LEU A 24 -6.13 20.59 2.65
C LEU A 24 -5.15 21.31 1.72
N ASP A 25 -4.76 20.63 0.67
CA ASP A 25 -3.82 21.21 -0.29
C ASP A 25 -4.55 22.15 -1.26
N LYS A 26 -5.67 21.67 -1.80
CA LYS A 26 -6.45 22.46 -2.74
C LYS A 26 -7.54 23.24 -2.00
N LYS A 27 -8.23 22.55 -1.10
CA LYS A 27 -9.29 23.19 -0.32
C LYS A 27 -8.72 23.93 0.88
N LYS A 2 14.01 -4.91 -4.75
CA LYS A 2 12.59 -5.11 -4.54
C LYS A 2 12.13 -4.41 -3.26
N ASP A 3 13.00 -4.40 -2.25
CA ASP A 3 12.66 -3.77 -0.98
C ASP A 3 12.46 -2.27 -1.18
N GLN A 4 13.41 -1.62 -1.86
CA GLN A 4 13.32 -0.19 -2.11
C GLN A 4 12.00 0.15 -2.81
N PHE A 5 11.39 -0.86 -3.42
CA PHE A 5 10.13 -0.66 -4.13
C PHE A 5 8.95 -0.88 -3.18
N ILE A 6 8.99 -1.99 -2.45
CA ILE A 6 7.92 -2.32 -1.51
C ILE A 6 7.63 -1.14 -0.60
N ILE A 7 8.61 -0.77 0.22
CA ILE A 7 8.44 0.35 1.14
C ILE A 7 7.94 1.58 0.40
N ALA A 8 8.39 1.76 -0.83
CA ALA A 8 7.99 2.90 -1.64
C ALA A 8 6.52 2.76 -2.05
N TYR A 9 6.03 1.54 -2.06
CA TYR A 9 4.64 1.28 -2.44
C TYR A 9 3.73 1.42 -1.23
N GLY A 10 4.25 1.09 -0.06
CA GLY A 10 3.48 1.17 1.18
C GLY A 10 3.09 -0.22 1.67
N GLY A 11 3.90 -1.22 1.33
CA GLY A 11 3.63 -2.58 1.75
C GLY A 11 2.16 -2.93 1.56
N LEU A 12 1.74 -3.08 0.30
CA LEU A 12 0.35 -3.42 -0.01
C LEU A 12 0.29 -4.58 -0.99
N ARG A 13 1.30 -4.68 -1.84
CA ARG A 13 1.36 -5.76 -2.84
C ARG A 13 0.87 -7.08 -2.23
N GLY A 14 0.95 -7.17 -0.90
CA GLY A 14 0.52 -8.37 -0.21
C GLY A 14 -0.91 -8.76 -0.59
N ALA A 15 -1.75 -7.74 -0.78
CA ALA A 15 -3.14 -7.99 -1.15
C ALA A 15 -3.26 -8.29 -2.64
N ILE A 16 -2.19 -8.02 -3.37
CA ILE A 16 -2.19 -8.27 -4.82
C ILE A 16 -1.66 -9.67 -5.11
N ALA A 17 -0.54 -10.03 -4.51
CA ALA A 17 0.04 -11.34 -4.71
C ALA A 17 -0.92 -12.44 -4.31
N PHE A 18 -1.70 -12.19 -3.25
CA PHE A 18 -2.66 -13.17 -2.78
C PHE A 18 -3.74 -13.41 -3.83
N SER A 19 -4.19 -12.33 -4.46
CA SER A 19 -5.21 -12.44 -5.49
C SER A 19 -4.67 -13.14 -6.73
N LEU A 20 -3.34 -13.31 -6.77
CA LEU A 20 -2.71 -13.97 -7.90
C LEU A 20 -2.63 -15.47 -7.67
N GLY A 21 -2.05 -15.85 -6.53
CA GLY A 21 -1.91 -17.27 -6.19
C GLY A 21 -3.18 -17.80 -5.53
N TYR A 22 -4.17 -16.94 -5.38
CA TYR A 22 -5.44 -17.33 -4.77
C TYR A 22 -6.16 -18.36 -5.63
N LEU A 23 -6.03 -18.21 -6.94
CA LEU A 23 -6.69 -19.13 -7.87
C LEU A 23 -6.08 -20.53 -7.77
N LEU A 24 -4.88 -20.70 -8.33
CA LEU A 24 -4.22 -21.99 -8.28
C LEU A 24 -4.24 -22.56 -6.87
N ASP A 25 -4.50 -21.71 -5.90
CA ASP A 25 -4.56 -22.15 -4.51
C ASP A 25 -5.90 -22.79 -4.20
N LYS A 26 -6.98 -22.15 -4.66
CA LYS A 26 -8.32 -22.66 -4.43
C LYS A 26 -8.80 -23.47 -5.63
N LYS A 27 -8.65 -22.89 -6.82
CA LYS A 27 -9.06 -23.56 -8.05
C LYS A 27 -8.24 -24.82 -8.27
N LYS A 2 14.24 -4.48 -4.90
CA LYS A 2 12.99 -5.18 -4.67
C LYS A 2 12.34 -4.72 -3.36
N ASP A 3 13.15 -4.64 -2.31
CA ASP A 3 12.66 -4.22 -1.00
C ASP A 3 12.58 -2.71 -0.93
N GLN A 4 13.20 -2.03 -1.89
CA GLN A 4 13.19 -0.57 -1.92
C GLN A 4 11.99 -0.06 -2.70
N PHE A 5 11.35 -0.95 -3.46
CA PHE A 5 10.18 -0.58 -4.25
C PHE A 5 8.91 -0.74 -3.43
N ILE A 6 8.93 -1.66 -2.46
CA ILE A 6 7.78 -1.90 -1.62
C ILE A 6 7.54 -0.74 -0.67
N ILE A 7 8.54 -0.45 0.17
CA ILE A 7 8.44 0.64 1.13
C ILE A 7 8.03 1.93 0.43
N ALA A 8 8.11 1.93 -0.90
CA ALA A 8 7.73 3.10 -1.68
C ALA A 8 6.25 3.07 -2.03
N TYR A 9 5.69 1.87 -2.13
CA TYR A 9 4.29 1.72 -2.46
C TYR A 9 3.66 0.61 -1.62
N GLY A 10 4.03 -0.64 -1.92
CA GLY A 10 3.50 -1.77 -1.18
C GLY A 10 3.42 -1.48 0.31
N GLY A 11 4.29 -0.60 0.78
CA GLY A 11 4.31 -0.24 2.19
C GLY A 11 3.56 1.08 2.42
N LEU A 12 3.82 2.06 1.56
CA LEU A 12 3.18 3.36 1.68
C LEU A 12 1.83 3.36 0.95
N ARG A 13 1.89 3.28 -0.36
CA ARG A 13 0.67 3.28 -1.17
C ARG A 13 -0.02 4.63 -1.10
N GLY A 14 0.73 5.70 -1.34
CA GLY A 14 0.18 7.05 -1.30
C GLY A 14 -1.12 7.12 -2.09
N ALA A 15 -1.38 6.09 -2.90
CA ALA A 15 -2.59 6.05 -3.70
C ALA A 15 -3.83 6.15 -2.81
N ILE A 16 -3.64 5.91 -1.51
CA ILE A 16 -4.74 5.98 -0.56
C ILE A 16 -4.84 7.38 0.04
N ALA A 17 -3.74 7.86 0.59
CA ALA A 17 -3.71 9.19 1.20
C ALA A 17 -4.22 10.24 0.22
N PHE A 18 -3.87 10.08 -1.05
CA PHE A 18 -4.30 11.04 -2.07
C PHE A 18 -5.81 10.97 -2.27
N SER A 19 -6.34 9.75 -2.25
CA SER A 19 -7.78 9.55 -2.42
C SER A 19 -8.54 10.08 -1.22
N LEU A 20 -7.82 10.36 -0.14
CA LEU A 20 -8.44 10.88 1.08
C LEU A 20 -8.59 12.39 1.00
N GLY A 21 -7.50 13.07 0.64
CA GLY A 21 -7.53 14.53 0.53
C GLY A 21 -8.20 14.97 -0.77
N TYR A 22 -8.66 13.99 -1.55
CA TYR A 22 -9.32 14.30 -2.81
C TYR A 22 -10.82 14.41 -2.61
N LEU A 23 -11.39 13.50 -1.83
CA LEU A 23 -12.82 13.51 -1.57
C LEU A 23 -13.23 14.82 -0.88
N LEU A 24 -12.57 15.11 0.23
CA LEU A 24 -12.88 16.33 0.98
C LEU A 24 -12.61 17.57 0.12
N ASP A 25 -12.09 17.34 -1.08
CA ASP A 25 -11.79 18.43 -1.99
C ASP A 25 -12.90 18.56 -3.03
N LYS A 26 -13.44 17.42 -3.45
CA LYS A 26 -14.51 17.41 -4.45
C LYS A 26 -15.81 16.94 -3.81
N LYS A 27 -15.80 15.73 -3.25
CA LYS A 27 -17.00 15.18 -2.62
C LYS A 27 -17.02 15.53 -1.13
N LYS A 2 14.48 -4.47 -4.81
CA LYS A 2 13.21 -5.18 -4.66
C LYS A 2 12.48 -4.71 -3.41
N ASP A 3 13.17 -4.76 -2.27
CA ASP A 3 12.57 -4.34 -1.01
C ASP A 3 12.49 -2.82 -0.94
N GLN A 4 13.20 -2.15 -1.85
CA GLN A 4 13.20 -0.69 -1.89
C GLN A 4 12.03 -0.16 -2.70
N PHE A 5 11.38 -1.05 -3.45
CA PHE A 5 10.25 -0.66 -4.27
C PHE A 5 8.94 -0.81 -3.49
N ILE A 6 8.98 -1.62 -2.44
CA ILE A 6 7.80 -1.84 -1.61
C ILE A 6 7.57 -0.65 -0.69
N ILE A 7 8.55 -0.36 0.16
CA ILE A 7 8.44 0.76 1.09
C ILE A 7 7.98 2.02 0.36
N ALA A 8 8.07 2.00 -0.96
CA ALA A 8 7.67 3.15 -1.77
C ALA A 8 6.15 3.15 -1.97
N TYR A 9 5.57 1.96 -2.09
CA TYR A 9 4.13 1.84 -2.28
C TYR A 9 3.58 0.65 -1.48
N GLY A 10 3.99 -0.55 -1.86
CA GLY A 10 3.54 -1.76 -1.17
C GLY A 10 3.49 -1.53 0.33
N GLY A 11 4.26 -0.56 0.80
CA GLY A 11 4.30 -0.25 2.23
C GLY A 11 3.47 0.98 2.55
N LEU A 12 3.79 2.09 1.90
CA LEU A 12 3.06 3.33 2.12
C LEU A 12 1.57 3.12 1.91
N ARG A 13 1.16 3.03 0.65
CA ARG A 13 -0.25 2.82 0.32
C ARG A 13 -1.06 4.10 0.58
N GLY A 14 -0.71 4.81 1.65
CA GLY A 14 -1.40 6.04 2.00
C GLY A 14 -1.54 6.95 0.78
N ALA A 15 -0.42 7.23 0.12
CA ALA A 15 -0.43 8.09 -1.07
C ALA A 15 -1.42 7.56 -2.10
N ILE A 16 -1.08 6.43 -2.72
CA ILE A 16 -1.95 5.83 -3.72
C ILE A 16 -3.39 5.75 -3.20
N ALA A 17 -3.53 5.49 -1.91
CA ALA A 17 -4.85 5.39 -1.30
C ALA A 17 -5.55 6.75 -1.29
N PHE A 18 -4.76 7.81 -1.28
CA PHE A 18 -5.31 9.17 -1.28
C PHE A 18 -5.51 9.67 -2.71
N SER A 19 -4.51 9.44 -3.55
CA SER A 19 -4.57 9.88 -4.93
C SER A 19 -5.77 9.24 -5.63
N LEU A 20 -6.34 8.23 -5.01
CA LEU A 20 -7.49 7.54 -5.59
C LEU A 20 -8.79 8.19 -5.11
N GLY A 21 -8.87 8.48 -3.82
CA GLY A 21 -10.06 9.10 -3.26
C GLY A 21 -10.02 10.61 -3.42
N TYR A 22 -8.96 11.10 -4.05
CA TYR A 22 -8.80 12.54 -4.26
C TYR A 22 -9.41 12.95 -5.59
N LEU A 23 -9.29 12.08 -6.60
CA LEU A 23 -9.83 12.36 -7.92
C LEU A 23 -11.36 12.47 -7.88
N LEU A 24 -12.02 11.32 -7.77
CA LEU A 24 -13.48 11.29 -7.73
C LEU A 24 -14.00 12.37 -6.78
N ASP A 25 -13.14 12.86 -5.91
CA ASP A 25 -13.52 13.90 -4.96
C ASP A 25 -13.51 15.26 -5.63
N LYS A 26 -12.48 15.51 -6.45
CA LYS A 26 -12.37 16.79 -7.15
C LYS A 26 -12.73 16.62 -8.62
N LYS A 27 -12.13 15.62 -9.26
CA LYS A 27 -12.40 15.37 -10.68
C LYS A 27 -13.72 14.61 -10.85
N LYS A 2 14.10 -4.47 -4.91
CA LYS A 2 12.76 -4.97 -4.58
C LYS A 2 12.33 -4.45 -3.21
N ASP A 3 13.17 -4.63 -2.21
CA ASP A 3 12.86 -4.17 -0.86
C ASP A 3 12.67 -2.65 -0.84
N GLN A 4 13.30 -1.98 -1.80
CA GLN A 4 13.19 -0.52 -1.89
C GLN A 4 12.00 -0.12 -2.76
N PHE A 5 11.48 -1.08 -3.53
CA PHE A 5 10.36 -0.82 -4.41
C PHE A 5 9.04 -1.07 -3.68
N ILE A 6 9.12 -1.73 -2.53
CA ILE A 6 7.93 -2.03 -1.74
C ILE A 6 7.63 -0.89 -0.78
N ILE A 7 8.60 -0.55 0.06
CA ILE A 7 8.42 0.52 1.03
C ILE A 7 7.97 1.81 0.33
N ALA A 8 8.15 1.85 -0.99
CA ALA A 8 7.75 3.01 -1.76
C ALA A 8 6.23 3.08 -1.90
N TYR A 9 5.62 1.93 -2.14
CA TYR A 9 4.16 1.87 -2.28
C TYR A 9 3.50 1.56 -0.95
N GLY A 10 4.24 1.76 0.13
CA GLY A 10 3.72 1.50 1.47
C GLY A 10 3.06 0.12 1.54
N GLY A 11 3.75 -0.88 1.01
CA GLY A 11 3.21 -2.25 1.03
C GLY A 11 2.34 -2.50 -0.20
N LEU A 12 1.93 -1.43 -0.87
CA LEU A 12 1.09 -1.56 -2.06
C LEU A 12 -0.19 -2.31 -1.73
N ARG A 13 -0.53 -2.35 -0.44
CA ARG A 13 -1.75 -3.03 -0.02
C ARG A 13 -2.99 -2.26 -0.44
N GLY A 14 -2.81 -1.31 -1.36
CA GLY A 14 -3.92 -0.50 -1.84
C GLY A 14 -4.39 -0.98 -3.22
N ALA A 15 -3.61 -1.88 -3.81
CA ALA A 15 -3.95 -2.41 -5.13
C ALA A 15 -4.57 -3.80 -5.00
N ILE A 16 -4.59 -4.32 -3.78
CA ILE A 16 -5.16 -5.65 -3.54
C ILE A 16 -6.64 -5.53 -3.21
N ALA A 17 -6.94 -4.80 -2.14
CA ALA A 17 -8.33 -4.62 -1.73
C ALA A 17 -9.14 -3.96 -2.84
N PHE A 18 -8.49 -3.13 -3.63
CA PHE A 18 -9.16 -2.44 -4.72
C PHE A 18 -9.50 -3.42 -5.85
N SER A 19 -8.51 -4.22 -6.24
CA SER A 19 -8.71 -5.20 -7.31
C SER A 19 -9.86 -6.13 -6.96
N LEU A 20 -9.85 -6.65 -5.74
CA LEU A 20 -10.90 -7.56 -5.29
C LEU A 20 -12.19 -6.79 -5.04
N GLY A 21 -12.07 -5.55 -4.59
CA GLY A 21 -13.24 -4.73 -4.32
C GLY A 21 -13.66 -3.95 -5.56
N TYR A 22 -12.93 -4.14 -6.65
CA TYR A 22 -13.23 -3.44 -7.89
C TYR A 22 -14.26 -4.22 -8.71
N LEU A 23 -14.17 -5.54 -8.66
CA LEU A 23 -15.10 -6.39 -9.40
C LEU A 23 -16.51 -6.24 -8.85
N LEU A 24 -16.79 -6.88 -7.72
CA LEU A 24 -18.10 -6.81 -7.11
C LEU A 24 -18.61 -5.37 -7.08
N ASP A 25 -17.69 -4.43 -7.25
CA ASP A 25 -18.06 -3.02 -7.25
C ASP A 25 -18.64 -2.61 -8.60
N LYS A 26 -18.07 -3.15 -9.66
CA LYS A 26 -18.54 -2.83 -11.02
C LYS A 26 -19.34 -4.00 -11.58
N LYS A 27 -18.81 -5.20 -11.45
CA LYS A 27 -19.49 -6.39 -11.96
C LYS A 27 -20.50 -6.91 -10.93
N LYS A 2 14.34 -4.96 -4.55
CA LYS A 2 12.89 -5.15 -4.52
C LYS A 2 12.29 -4.53 -3.26
N ASP A 3 13.01 -4.67 -2.14
CA ASP A 3 12.55 -4.13 -0.87
C ASP A 3 12.56 -2.61 -0.91
N GLN A 4 13.15 -2.04 -1.95
CA GLN A 4 13.23 -0.60 -2.10
C GLN A 4 12.02 -0.07 -2.86
N PHE A 5 11.33 -0.97 -3.56
CA PHE A 5 10.16 -0.58 -4.33
C PHE A 5 8.90 -0.69 -3.47
N ILE A 6 8.86 -1.72 -2.62
CA ILE A 6 7.70 -1.92 -1.74
C ILE A 6 7.55 -0.76 -0.78
N ILE A 7 8.57 -0.53 0.04
CA ILE A 7 8.53 0.55 1.01
C ILE A 7 8.04 1.84 0.36
N ALA A 8 8.18 1.91 -0.95
CA ALA A 8 7.75 3.10 -1.70
C ALA A 8 6.24 3.07 -1.89
N TYR A 9 5.69 1.89 -2.14
CA TYR A 9 4.25 1.75 -2.34
C TYR A 9 3.71 0.54 -1.59
N GLY A 10 4.14 -0.65 -2.02
CA GLY A 10 3.69 -1.88 -1.38
C GLY A 10 3.63 -1.72 0.13
N GLY A 11 4.41 -0.78 0.65
CA GLY A 11 4.44 -0.53 2.09
C GLY A 11 3.81 0.81 2.42
N LEU A 12 4.35 1.88 1.84
CA LEU A 12 3.82 3.22 2.08
C LEU A 12 2.30 3.20 2.07
N ARG A 13 1.72 3.35 0.88
CA ARG A 13 0.27 3.35 0.74
C ARG A 13 -0.38 4.15 1.86
N GLY A 14 0.40 5.02 2.50
CA GLY A 14 -0.11 5.84 3.58
C GLY A 14 -0.36 7.28 3.12
N ALA A 15 -0.51 7.46 1.81
CA ALA A 15 -0.74 8.77 1.25
C ALA A 15 -1.83 8.71 0.17
N ILE A 16 -1.51 8.05 -0.93
CA ILE A 16 -2.47 7.93 -2.03
C ILE A 16 -3.79 7.36 -1.51
N ALA A 17 -3.70 6.35 -0.67
CA ALA A 17 -4.89 5.72 -0.12
C ALA A 17 -5.88 6.77 0.37
N PHE A 18 -5.35 7.89 0.86
CA PHE A 18 -6.19 8.98 1.35
C PHE A 18 -6.49 9.97 0.23
N SER A 19 -5.59 10.04 -0.74
CA SER A 19 -5.77 10.95 -1.86
C SER A 19 -6.99 10.56 -2.69
N LEU A 20 -7.23 9.26 -2.79
CA LEU A 20 -8.37 8.77 -3.56
C LEU A 20 -9.61 8.64 -2.67
N GLY A 21 -9.37 8.51 -1.36
CA GLY A 21 -10.48 8.37 -0.41
C GLY A 21 -10.93 9.75 0.09
N TYR A 22 -10.29 10.79 -0.41
CA TYR A 22 -10.61 12.16 0.00
C TYR A 22 -11.69 12.74 -0.91
N LEU A 23 -11.56 12.49 -2.21
CA LEU A 23 -12.53 13.02 -3.17
C LEU A 23 -13.94 12.55 -2.83
N LEU A 24 -14.23 11.28 -3.11
CA LEU A 24 -15.56 10.73 -2.82
C LEU A 24 -16.01 11.11 -1.42
N ASP A 25 -15.08 11.59 -0.61
CA ASP A 25 -15.39 11.98 0.76
C ASP A 25 -15.63 13.48 0.85
N LYS A 26 -14.93 14.25 0.01
CA LYS A 26 -15.08 15.69 0.00
C LYS A 26 -16.21 16.12 -0.93
N LYS A 27 -16.50 15.28 -1.92
CA LYS A 27 -17.56 15.57 -2.87
C LYS A 27 -18.92 15.50 -2.20
N LYS A 2 13.74 -4.74 -4.89
CA LYS A 2 12.35 -4.94 -4.47
C LYS A 2 12.10 -4.31 -3.11
N ASP A 3 13.04 -4.50 -2.19
CA ASP A 3 12.91 -3.94 -0.85
C ASP A 3 12.76 -2.43 -0.92
N GLN A 4 13.37 -1.81 -1.92
CA GLN A 4 13.30 -0.37 -2.09
C GLN A 4 12.03 0.03 -2.84
N PHE A 5 11.39 -0.96 -3.48
CA PHE A 5 10.18 -0.70 -4.22
C PHE A 5 8.94 -0.86 -3.33
N ILE A 6 8.91 -1.96 -2.59
CA ILE A 6 7.79 -2.22 -1.69
C ILE A 6 7.57 -1.04 -0.75
N ILE A 7 8.56 -0.76 0.09
CA ILE A 7 8.46 0.35 1.03
C ILE A 7 8.06 1.62 0.30
N ALA A 8 8.27 1.64 -1.01
CA ALA A 8 7.92 2.80 -1.81
C ALA A 8 6.41 2.92 -1.96
N TYR A 9 5.78 1.82 -2.34
CA TYR A 9 4.32 1.80 -2.52
C TYR A 9 3.64 1.33 -1.24
N GLY A 10 4.35 1.42 -0.12
CA GLY A 10 3.81 1.01 1.16
C GLY A 10 3.02 -0.29 1.01
N GLY A 11 3.73 -1.42 0.97
CA GLY A 11 3.10 -2.71 0.82
C GLY A 11 2.15 -2.72 -0.37
N LEU A 12 2.17 -1.65 -1.15
CA LEU A 12 1.30 -1.54 -2.31
C LEU A 12 -0.15 -1.69 -1.87
N ARG A 13 -0.37 -1.74 -0.56
CA ARG A 13 -1.71 -1.89 -0.03
C ARG A 13 -2.69 -0.99 -0.78
N GLY A 14 -2.15 0.05 -1.42
CA GLY A 14 -2.98 0.98 -2.18
C GLY A 14 -3.50 0.33 -3.46
N ALA A 15 -3.91 -0.94 -3.35
CA ALA A 15 -4.42 -1.66 -4.51
C ALA A 15 -5.47 -2.67 -4.08
N ILE A 16 -5.24 -3.30 -2.94
CA ILE A 16 -6.17 -4.30 -2.43
C ILE A 16 -7.49 -3.65 -2.06
N ALA A 17 -7.44 -2.43 -1.55
CA ALA A 17 -8.63 -1.70 -1.16
C ALA A 17 -9.46 -1.35 -2.39
N PHE A 18 -8.79 -1.20 -3.53
CA PHE A 18 -9.48 -0.85 -4.78
C PHE A 18 -9.91 -2.11 -5.50
N SER A 19 -9.01 -3.09 -5.59
CA SER A 19 -9.32 -4.33 -6.27
C SER A 19 -10.57 -4.97 -5.68
N LEU A 20 -10.89 -4.62 -4.44
CA LEU A 20 -12.06 -5.15 -3.78
C LEU A 20 -13.32 -4.44 -4.26
N GLY A 21 -13.45 -3.16 -3.93
CA GLY A 21 -14.60 -2.38 -4.34
C GLY A 21 -14.69 -2.28 -5.85
N TYR A 22 -13.75 -2.92 -6.53
CA TYR A 22 -13.74 -2.90 -8.00
C TYR A 22 -14.68 -3.96 -8.56
N LEU A 23 -14.84 -5.06 -7.84
CA LEU A 23 -15.71 -6.13 -8.28
C LEU A 23 -17.17 -5.77 -8.06
N LEU A 24 -17.56 -5.60 -6.80
CA LEU A 24 -18.94 -5.25 -6.47
C LEU A 24 -19.35 -3.97 -7.20
N ASP A 25 -18.37 -3.28 -7.77
CA ASP A 25 -18.65 -2.04 -8.49
C ASP A 25 -19.00 -2.33 -9.95
N LYS A 26 -18.30 -3.31 -10.52
CA LYS A 26 -18.53 -3.68 -11.91
C LYS A 26 -19.40 -4.93 -12.00
N LYS A 27 -19.03 -5.95 -11.23
CA LYS A 27 -19.79 -7.20 -11.22
C LYS A 27 -21.16 -7.00 -10.59
N LYS A 2 13.90 -4.95 -4.42
CA LYS A 2 12.48 -5.16 -4.19
C LYS A 2 12.01 -4.38 -2.96
N ASP A 3 12.88 -4.30 -1.95
CA ASP A 3 12.55 -3.58 -0.74
C ASP A 3 12.30 -2.10 -1.03
N GLN A 4 13.25 -1.47 -1.71
CA GLN A 4 13.13 -0.06 -2.05
C GLN A 4 11.93 0.18 -2.95
N PHE A 5 11.42 -0.90 -3.55
CA PHE A 5 10.27 -0.81 -4.43
C PHE A 5 8.98 -0.95 -3.64
N ILE A 6 8.96 -1.92 -2.73
CA ILE A 6 7.77 -2.16 -1.92
C ILE A 6 7.64 -1.08 -0.84
N ILE A 7 8.71 -0.89 -0.07
CA ILE A 7 8.70 0.11 0.99
C ILE A 7 8.33 1.47 0.43
N ALA A 8 8.28 1.57 -0.90
CA ALA A 8 7.94 2.84 -1.54
C ALA A 8 6.43 2.94 -1.75
N TYR A 9 5.84 1.88 -2.29
CA TYR A 9 4.40 1.87 -2.53
C TYR A 9 3.73 0.74 -1.76
N GLY A 10 4.02 -0.50 -2.14
CA GLY A 10 3.44 -1.66 -1.46
C GLY A 10 3.45 -1.45 0.05
N GLY A 11 4.42 -0.68 0.53
CA GLY A 11 4.54 -0.41 1.95
C GLY A 11 4.99 1.03 2.20
N LEU A 12 4.43 1.95 1.42
CA LEU A 12 4.78 3.36 1.55
C LEU A 12 4.86 3.76 3.03
N ARG A 13 4.21 2.97 3.88
CA ARG A 13 4.20 3.24 5.30
C ARG A 13 5.57 3.69 5.77
N GLY A 14 6.60 3.34 5.01
CA GLY A 14 7.97 3.70 5.36
C GLY A 14 8.09 5.21 5.53
N ALA A 15 7.00 5.93 5.22
CA ALA A 15 7.00 7.39 5.35
C ALA A 15 6.47 7.81 6.71
N ILE A 16 5.70 6.93 7.33
CA ILE A 16 5.14 7.22 8.65
C ILE A 16 6.09 6.74 9.75
N ALA A 17 6.69 5.59 9.54
CA ALA A 17 7.62 5.03 10.51
C ALA A 17 8.84 5.93 10.68
N PHE A 18 9.20 6.63 9.61
CA PHE A 18 10.35 7.53 9.64
C PHE A 18 9.95 8.90 10.18
N SER A 19 8.82 9.40 9.69
CA SER A 19 8.33 10.71 10.13
C SER A 19 8.14 10.73 11.65
N LEU A 20 8.02 9.55 12.24
CA LEU A 20 7.84 9.45 13.68
C LEU A 20 9.16 9.61 14.40
N GLY A 21 10.04 8.62 14.24
CA GLY A 21 11.35 8.68 14.88
C GLY A 21 12.17 9.86 14.38
N TYR A 22 11.56 10.66 13.51
CA TYR A 22 12.24 11.83 12.96
C TYR A 22 12.24 12.97 13.98
N LEU A 23 11.11 13.16 14.65
CA LEU A 23 10.99 14.22 15.63
C LEU A 23 12.06 14.09 16.71
N LEU A 24 12.17 12.90 17.29
CA LEU A 24 13.16 12.65 18.33
C LEU A 24 14.56 12.89 17.79
N ASP A 25 14.65 13.10 16.47
CA ASP A 25 15.93 13.34 15.82
C ASP A 25 16.10 14.82 15.54
N LYS A 26 15.02 15.49 15.16
CA LYS A 26 15.05 16.91 14.86
C LYS A 26 15.01 17.73 16.14
N LYS A 27 14.45 17.14 17.20
CA LYS A 27 14.35 17.82 18.48
C LYS A 27 15.71 17.89 19.16
N LYS A 2 14.78 -4.48 -4.41
CA LYS A 2 13.43 -5.04 -4.37
C LYS A 2 12.64 -4.42 -3.21
N ASP A 3 13.13 -4.63 -2.00
CA ASP A 3 12.47 -4.10 -0.81
C ASP A 3 12.35 -2.58 -0.90
N GLN A 4 12.98 -2.01 -1.92
CA GLN A 4 12.94 -0.55 -2.11
C GLN A 4 11.75 -0.16 -2.97
N PHE A 5 11.15 -1.15 -3.63
CA PHE A 5 9.99 -0.89 -4.49
C PHE A 5 8.70 -1.01 -3.69
N ILE A 6 8.75 -1.80 -2.62
CA ILE A 6 7.57 -2.00 -1.78
C ILE A 6 7.46 -0.88 -0.74
N ILE A 7 8.53 -0.67 0.01
CA ILE A 7 8.54 0.37 1.04
C ILE A 7 8.23 1.73 0.43
N ALA A 8 8.18 1.77 -0.91
CA ALA A 8 7.90 3.03 -1.60
C ALA A 8 6.40 3.18 -1.83
N TYR A 9 5.72 2.06 -2.05
CA TYR A 9 4.28 2.09 -2.28
C TYR A 9 3.61 0.93 -1.55
N GLY A 10 3.86 -0.29 -2.02
CA GLY A 10 3.27 -1.47 -1.40
C GLY A 10 3.27 -1.36 0.12
N GLY A 11 4.24 -0.60 0.65
CA GLY A 11 4.34 -0.42 2.09
C GLY A 11 3.79 0.94 2.51
N LEU A 12 4.21 1.99 1.80
CA LEU A 12 3.75 3.34 2.10
C LEU A 12 2.32 3.53 1.64
N ARG A 13 2.10 3.49 0.33
CA ARG A 13 0.76 3.66 -0.22
C ARG A 13 0.29 5.10 -0.03
N GLY A 14 1.13 6.05 -0.43
CA GLY A 14 0.79 7.46 -0.30
C GLY A 14 -0.62 7.72 -0.81
N ALA A 15 -1.15 6.80 -1.60
CA ALA A 15 -2.49 6.94 -2.14
C ALA A 15 -3.51 7.16 -1.02
N ILE A 16 -3.10 6.86 0.21
CA ILE A 16 -3.98 7.03 1.36
C ILE A 16 -3.77 8.41 1.98
N ALA A 17 -2.52 8.72 2.30
CA ALA A 17 -2.20 10.00 2.92
C ALA A 17 -2.72 11.16 2.06
N PHE A 18 -2.57 11.03 0.75
CA PHE A 18 -3.02 12.07 -0.16
C PHE A 18 -4.54 12.23 -0.06
N SER A 19 -5.25 11.12 0.10
CA SER A 19 -6.70 11.16 0.21
C SER A 19 -7.12 11.76 1.55
N LEU A 20 -6.16 11.86 2.47
CA LEU A 20 -6.44 12.40 3.79
C LEU A 20 -6.29 13.93 3.78
N GLY A 21 -5.13 14.40 3.32
CA GLY A 21 -4.87 15.83 3.25
C GLY A 21 -5.59 16.47 2.08
N TYR A 22 -6.33 15.66 1.33
CA TYR A 22 -7.06 16.16 0.17
C TYR A 22 -8.46 16.62 0.57
N LEU A 23 -9.11 15.84 1.44
CA LEU A 23 -10.46 16.17 1.88
C LEU A 23 -10.49 17.56 2.52
N LEU A 24 -9.97 17.66 3.75
CA LEU A 24 -9.95 18.94 4.45
C LEU A 24 -9.43 20.04 3.54
N ASP A 25 -8.84 19.66 2.42
CA ASP A 25 -8.32 20.63 1.47
C ASP A 25 -9.32 20.90 0.35
N LYS A 26 -10.12 19.89 0.03
CA LYS A 26 -11.12 20.03 -1.02
C LYS A 26 -12.46 20.49 -0.44
N LYS A 27 -12.68 20.19 0.83
CA LYS A 27 -13.92 20.58 1.50
C LYS A 27 -14.05 22.10 1.53
N LYS A 2 14.38 -4.73 -4.18
CA LYS A 2 13.00 -5.16 -4.00
C LYS A 2 12.30 -4.29 -2.96
N ASP A 3 12.70 -4.44 -1.70
CA ASP A 3 12.10 -3.66 -0.63
C ASP A 3 12.09 -2.18 -0.97
N GLN A 4 12.99 -1.78 -1.86
CA GLN A 4 13.07 -0.38 -2.27
C GLN A 4 11.85 0.02 -3.09
N PHE A 5 11.26 -0.96 -3.75
CA PHE A 5 10.08 -0.72 -4.57
C PHE A 5 8.80 -0.90 -3.75
N ILE A 6 8.84 -1.85 -2.84
CA ILE A 6 7.68 -2.13 -1.99
C ILE A 6 7.55 -1.07 -0.89
N ILE A 7 8.63 -0.89 -0.13
CA ILE A 7 8.63 0.09 0.94
C ILE A 7 8.30 1.48 0.41
N ALA A 8 8.37 1.63 -0.91
CA ALA A 8 8.08 2.92 -1.53
C ALA A 8 6.58 3.05 -1.79
N TYR A 9 5.90 1.91 -1.90
CA TYR A 9 4.47 1.91 -2.14
C TYR A 9 3.81 0.69 -1.48
N GLY A 10 4.09 -0.48 -2.02
CA GLY A 10 3.53 -1.72 -1.48
C GLY A 10 3.73 -1.80 0.02
N GLY A 11 4.49 -0.87 0.58
CA GLY A 11 4.76 -0.85 2.01
C GLY A 11 4.84 0.58 2.54
N LEU A 12 3.99 1.44 1.99
CA LEU A 12 3.97 2.84 2.41
C LEU A 12 2.56 3.39 2.39
N ARG A 13 1.92 3.31 1.22
CA ARG A 13 0.56 3.80 1.07
C ARG A 13 -0.43 2.93 1.84
N GLY A 14 0.06 2.25 2.88
CA GLY A 14 -0.79 1.39 3.68
C GLY A 14 -1.54 2.19 4.73
N ALA A 15 -0.97 3.32 5.14
CA ALA A 15 -1.59 4.17 6.14
C ALA A 15 -2.29 5.35 5.48
N ILE A 16 -2.07 5.50 4.18
CA ILE A 16 -2.69 6.60 3.45
C ILE A 16 -4.03 6.17 2.85
N ALA A 17 -3.99 5.11 2.05
CA ALA A 17 -5.21 4.60 1.41
C ALA A 17 -6.29 4.36 2.46
N PHE A 18 -5.89 3.87 3.63
CA PHE A 18 -6.85 3.61 4.69
C PHE A 18 -7.43 4.92 5.23
N SER A 19 -6.58 5.94 5.32
CA SER A 19 -7.02 7.24 5.82
C SER A 19 -7.95 7.90 4.82
N LEU A 20 -8.01 7.35 3.61
CA LEU A 20 -8.88 7.89 2.57
C LEU A 20 -10.28 7.31 2.67
N GLY A 21 -10.35 5.98 2.76
CA GLY A 21 -11.64 5.30 2.86
C GLY A 21 -12.14 5.29 4.30
N TYR A 22 -11.36 5.89 5.20
CA TYR A 22 -11.73 5.93 6.61
C TYR A 22 -12.91 6.88 6.83
N LEU A 23 -12.96 7.96 6.05
CA LEU A 23 -14.03 8.93 6.16
C LEU A 23 -15.36 8.32 5.75
N LEU A 24 -15.57 8.18 4.44
CA LEU A 24 -16.81 7.62 3.92
C LEU A 24 -17.18 6.36 4.69
N ASP A 25 -16.21 5.80 5.40
CA ASP A 25 -16.44 4.58 6.18
C ASP A 25 -17.07 4.92 7.53
N LYS A 26 -16.56 5.97 8.16
CA LYS A 26 -17.08 6.39 9.46
C LYS A 26 -18.00 7.60 9.30
N LYS A 27 -17.54 8.58 8.54
CA LYS A 27 -18.33 9.79 8.31
C LYS A 27 -19.33 9.57 7.18
N LYS A 2 13.89 -4.74 -4.80
CA LYS A 2 12.51 -5.06 -4.45
C LYS A 2 12.13 -4.38 -3.14
N ASP A 3 13.00 -4.48 -2.15
CA ASP A 3 12.74 -3.88 -0.85
C ASP A 3 12.56 -2.38 -0.98
N GLN A 4 13.40 -1.75 -1.80
CA GLN A 4 13.33 -0.32 -2.00
C GLN A 4 12.08 0.06 -2.80
N PHE A 5 11.46 -0.94 -3.41
CA PHE A 5 10.26 -0.70 -4.20
C PHE A 5 9.01 -0.86 -3.35
N ILE A 6 8.92 -1.99 -2.64
CA ILE A 6 7.78 -2.24 -1.78
C ILE A 6 7.51 -1.05 -0.87
N ILE A 7 8.46 -0.76 0.01
CA ILE A 7 8.31 0.36 0.93
C ILE A 7 7.86 1.60 0.16
N ALA A 8 8.40 1.78 -1.04
CA ALA A 8 8.04 2.93 -1.86
C ALA A 8 6.53 2.98 -2.03
N TYR A 9 5.90 1.82 -2.00
CA TYR A 9 4.45 1.73 -2.13
C TYR A 9 3.82 1.29 -0.81
N GLY A 10 4.57 1.46 0.27
CA GLY A 10 4.08 1.09 1.60
C GLY A 10 3.31 -0.23 1.53
N GLY A 11 3.80 -1.15 0.72
CA GLY A 11 3.14 -2.44 0.58
C GLY A 11 1.71 -2.27 0.10
N LEU A 12 1.55 -1.64 -1.06
CA LEU A 12 0.21 -1.42 -1.60
C LEU A 12 -0.64 -2.68 -1.43
N ARG A 13 0.00 -3.83 -1.59
CA ARG A 13 -0.67 -5.12 -1.44
C ARG A 13 -2.16 -5.02 -1.78
N GLY A 14 -2.44 -4.81 -3.07
CA GLY A 14 -3.81 -4.69 -3.54
C GLY A 14 -4.04 -5.53 -4.78
N ALA A 15 -3.11 -6.45 -5.04
CA ALA A 15 -3.21 -7.31 -6.21
C ALA A 15 -2.91 -8.76 -5.83
N ILE A 16 -1.66 -9.01 -5.45
CA ILE A 16 -1.27 -10.36 -5.06
C ILE A 16 -2.20 -10.91 -3.99
N ALA A 17 -2.52 -10.06 -3.00
CA ALA A 17 -3.40 -10.47 -1.92
C ALA A 17 -4.63 -11.19 -2.47
N PHE A 18 -5.07 -10.77 -3.65
CA PHE A 18 -6.24 -11.38 -4.27
C PHE A 18 -5.82 -12.54 -5.18
N SER A 19 -4.60 -12.48 -5.68
CA SER A 19 -4.10 -13.53 -6.56
C SER A 19 -3.96 -14.85 -5.80
N LEU A 20 -3.61 -14.75 -4.52
CA LEU A 20 -3.46 -15.95 -3.69
C LEU A 20 -4.78 -16.31 -3.02
N GLY A 21 -5.64 -15.32 -2.86
CA GLY A 21 -6.94 -15.53 -2.23
C GLY A 21 -7.99 -15.93 -3.26
N TYR A 22 -7.57 -16.02 -4.52
CA TYR A 22 -8.49 -16.39 -5.59
C TYR A 22 -8.48 -17.89 -5.80
N LEU A 23 -7.30 -18.50 -5.70
CA LEU A 23 -7.16 -19.94 -5.89
C LEU A 23 -7.92 -20.70 -4.80
N LEU A 24 -7.33 -20.78 -3.62
CA LEU A 24 -7.96 -21.48 -2.50
C LEU A 24 -9.43 -21.09 -2.38
N ASP A 25 -9.80 -19.99 -3.02
CA ASP A 25 -11.18 -19.51 -2.98
C ASP A 25 -12.04 -20.29 -3.96
N LYS A 26 -11.47 -20.61 -5.12
CA LYS A 26 -12.19 -21.36 -6.14
C LYS A 26 -11.76 -22.82 -6.15
N LYS A 27 -10.45 -23.05 -6.25
CA LYS A 27 -9.92 -24.40 -6.25
C LYS A 27 -9.73 -24.92 -4.83
N LYS A 2 14.70 -4.73 -4.57
CA LYS A 2 13.33 -5.23 -4.58
C LYS A 2 12.58 -4.75 -3.33
N ASP A 3 13.28 -4.68 -2.21
CA ASP A 3 12.67 -4.24 -0.97
C ASP A 3 12.56 -2.72 -0.93
N GLN A 4 13.21 -2.06 -1.88
CA GLN A 4 13.18 -0.60 -1.95
C GLN A 4 12.00 -0.13 -2.79
N PHE A 5 11.39 -1.05 -3.54
CA PHE A 5 10.25 -0.72 -4.38
C PHE A 5 8.95 -0.89 -3.60
N ILE A 6 8.98 -1.72 -2.57
CA ILE A 6 7.80 -1.96 -1.76
C ILE A 6 7.57 -0.80 -0.79
N ILE A 7 8.60 -0.45 -0.03
CA ILE A 7 8.50 0.64 0.92
C ILE A 7 7.91 1.89 0.26
N ALA A 8 8.15 2.03 -1.04
CA ALA A 8 7.65 3.18 -1.77
C ALA A 8 6.12 3.15 -1.82
N TYR A 9 5.57 1.99 -2.14
CA TYR A 9 4.12 1.84 -2.21
C TYR A 9 3.53 1.58 -0.82
N GLY A 10 4.34 1.80 0.20
CA GLY A 10 3.89 1.58 1.57
C GLY A 10 3.07 0.30 1.67
N GLY A 11 3.74 -0.84 1.47
CA GLY A 11 3.06 -2.13 1.54
C GLY A 11 1.85 -2.16 0.61
N LEU A 12 1.75 -1.15 -0.25
CA LEU A 12 0.64 -1.07 -1.19
C LEU A 12 -0.69 -0.95 -0.44
N ARG A 13 -0.60 -0.62 0.84
CA ARG A 13 -1.80 -0.46 1.66
C ARG A 13 -2.34 0.96 1.56
N GLY A 14 -1.86 1.71 0.58
CA GLY A 14 -2.29 3.08 0.39
C GLY A 14 -3.41 3.16 -0.65
N ALA A 15 -4.19 2.09 -0.76
CA ALA A 15 -5.28 2.04 -1.72
C ALA A 15 -6.50 1.35 -1.11
N ILE A 16 -6.30 0.14 -0.62
CA ILE A 16 -7.38 -0.62 -0.02
C ILE A 16 -8.11 0.22 1.03
N ALA A 17 -7.34 0.98 1.81
CA ALA A 17 -7.91 1.83 2.84
C ALA A 17 -8.85 2.85 2.23
N PHE A 18 -8.60 3.22 0.99
CA PHE A 18 -9.44 4.19 0.29
C PHE A 18 -10.57 3.48 -0.46
N SER A 19 -10.21 2.43 -1.19
CA SER A 19 -11.20 1.68 -1.95
C SER A 19 -12.30 1.15 -1.03
N LEU A 20 -12.05 1.19 0.27
CA LEU A 20 -13.03 0.72 1.25
C LEU A 20 -13.97 1.84 1.66
N GLY A 21 -13.39 3.00 1.97
CA GLY A 21 -14.19 4.16 2.39
C GLY A 21 -14.74 4.89 1.18
N TYR A 22 -14.44 4.39 -0.01
CA TYR A 22 -14.91 5.01 -1.24
C TYR A 22 -16.26 4.43 -1.66
N LEU A 23 -16.42 3.12 -1.48
CA LEU A 23 -17.65 2.45 -1.85
C LEU A 23 -18.82 2.99 -1.03
N LEU A 24 -18.92 2.55 0.22
CA LEU A 24 -20.01 2.99 1.09
C LEU A 24 -20.21 4.49 0.95
N ASP A 25 -19.19 5.18 0.45
CA ASP A 25 -19.27 6.63 0.28
C ASP A 25 -20.08 6.97 -0.96
N LYS A 26 -19.90 6.19 -2.01
CA LYS A 26 -20.62 6.41 -3.27
C LYS A 26 -21.70 5.34 -3.46
N LYS A 27 -21.28 4.09 -3.44
CA LYS A 27 -22.22 2.98 -3.62
C LYS A 27 -22.99 2.73 -2.32
N LYS A 2 14.34 -4.78 -4.48
CA LYS A 2 12.92 -5.10 -4.43
C LYS A 2 12.28 -4.47 -3.19
N ASP A 3 13.02 -4.43 -2.10
CA ASP A 3 12.51 -3.85 -0.86
C ASP A 3 12.33 -2.34 -1.01
N GLN A 4 13.18 -1.73 -1.83
CA GLN A 4 13.11 -0.29 -2.06
C GLN A 4 11.87 0.06 -2.88
N PHE A 5 11.28 -0.96 -3.51
CA PHE A 5 10.09 -0.74 -4.32
C PHE A 5 8.82 -0.88 -3.48
N ILE A 6 8.81 -1.88 -2.61
CA ILE A 6 7.65 -2.11 -1.75
C ILE A 6 7.51 -0.98 -0.73
N ILE A 7 8.55 -0.75 0.05
CA ILE A 7 8.53 0.31 1.06
C ILE A 7 8.19 1.64 0.41
N ALA A 8 8.30 1.71 -0.91
CA ALA A 8 8.00 2.94 -1.63
C ALA A 8 6.50 3.03 -1.93
N TYR A 9 5.86 1.88 -2.10
CA TYR A 9 4.43 1.85 -2.40
C TYR A 9 3.76 0.70 -1.64
N GLY A 10 4.06 -0.52 -2.08
CA GLY A 10 3.46 -1.70 -1.45
C GLY A 10 3.45 -1.55 0.07
N GLY A 11 4.32 -0.69 0.58
CA GLY A 11 4.39 -0.46 2.02
C GLY A 11 3.69 0.84 2.41
N LEU A 12 4.00 1.91 1.70
CA LEU A 12 3.39 3.21 1.97
C LEU A 12 1.88 3.14 1.78
N ARG A 13 1.46 2.89 0.54
CA ARG A 13 0.03 2.80 0.22
C ARG A 13 -0.71 2.05 1.32
N GLY A 14 0.02 1.24 2.08
CA GLY A 14 -0.58 0.48 3.16
C GLY A 14 -0.86 1.36 4.37
N ALA A 15 -1.29 2.59 4.11
CA ALA A 15 -1.58 3.53 5.18
C ALA A 15 -2.84 4.32 4.87
N ILE A 16 -2.84 4.98 3.71
CA ILE A 16 -3.99 5.77 3.30
C ILE A 16 -5.26 4.93 3.31
N ALA A 17 -5.17 3.72 2.77
CA ALA A 17 -6.31 2.82 2.72
C ALA A 17 -6.99 2.75 4.09
N PHE A 18 -6.19 2.79 5.14
CA PHE A 18 -6.72 2.73 6.50
C PHE A 18 -7.00 4.12 7.03
N SER A 19 -6.11 5.06 6.71
CA SER A 19 -6.27 6.44 7.17
C SER A 19 -7.61 7.00 6.69
N LEU A 20 -8.02 6.61 5.51
CA LEU A 20 -9.28 7.09 4.95
C LEU A 20 -10.42 6.14 5.35
N GLY A 21 -10.07 4.89 5.62
CA GLY A 21 -11.06 3.90 6.01
C GLY A 21 -11.23 3.86 7.52
N TYR A 22 -10.51 4.74 8.21
CA TYR A 22 -10.58 4.81 9.67
C TYR A 22 -11.65 5.80 10.12
N LEU A 23 -11.75 6.92 9.42
CA LEU A 23 -12.74 7.94 9.75
C LEU A 23 -14.16 7.44 9.52
N LEU A 24 -14.56 7.41 8.25
CA LEU A 24 -15.90 6.94 7.90
C LEU A 24 -16.24 5.66 8.65
N ASP A 25 -15.22 5.01 9.19
CA ASP A 25 -15.43 3.77 9.93
C ASP A 25 -15.58 4.05 11.42
N LYS A 26 -14.88 5.09 11.89
CA LYS A 26 -14.93 5.47 13.31
C LYS A 26 -15.40 6.92 13.45
N LYS A 27 -14.63 7.83 12.87
CA LYS A 27 -14.96 9.26 12.94
C LYS A 27 -15.41 9.62 14.35
N LYS A 2 13.83 -5.27 -4.46
CA LYS A 2 12.41 -4.94 -4.42
C LYS A 2 12.07 -4.23 -3.11
N ASP A 3 12.75 -4.64 -2.03
CA ASP A 3 12.51 -4.03 -0.72
C ASP A 3 12.53 -2.51 -0.81
N GLN A 4 13.17 -2.00 -1.86
CA GLN A 4 13.26 -0.55 -2.04
C GLN A 4 12.08 -0.05 -2.88
N PHE A 5 11.48 -0.96 -3.65
CA PHE A 5 10.35 -0.59 -4.49
C PHE A 5 9.04 -0.79 -3.73
N ILE A 6 9.07 -1.64 -2.72
CA ILE A 6 7.88 -1.91 -1.93
C ILE A 6 7.68 -0.82 -0.88
N ILE A 7 8.72 -0.58 -0.08
CA ILE A 7 8.64 0.44 0.96
C ILE A 7 8.15 1.76 0.39
N ALA A 8 8.14 1.86 -0.94
CA ALA A 8 7.69 3.07 -1.61
C ALA A 8 6.19 3.05 -1.81
N TYR A 9 5.65 1.86 -2.09
CA TYR A 9 4.22 1.71 -2.30
C TYR A 9 3.70 0.45 -1.62
N GLY A 10 4.12 -0.70 -2.13
CA GLY A 10 3.69 -1.98 -1.54
C GLY A 10 3.69 -1.91 -0.02
N GLY A 11 4.54 -1.05 0.53
CA GLY A 11 4.63 -0.91 1.98
C GLY A 11 3.90 0.36 2.44
N LEU A 12 4.32 1.49 1.91
CA LEU A 12 3.71 2.77 2.27
C LEU A 12 2.22 2.76 1.91
N ARG A 13 1.93 2.75 0.61
CA ARG A 13 0.55 2.74 0.15
C ARG A 13 -0.12 4.08 0.46
N GLY A 14 0.53 5.17 0.07
CA GLY A 14 -0.02 6.50 0.31
C GLY A 14 -1.49 6.55 -0.08
N ALA A 15 -1.93 5.59 -0.89
CA ALA A 15 -3.32 5.55 -1.33
C ALA A 15 -4.27 5.57 -0.12
N ILE A 16 -3.73 5.27 1.04
CA ILE A 16 -4.52 5.27 2.26
C ILE A 16 -4.51 6.64 2.93
N ALA A 17 -3.34 7.27 2.93
CA ALA A 17 -3.20 8.59 3.53
C ALA A 17 -4.04 9.61 2.78
N PHE A 18 -4.19 9.41 1.48
CA PHE A 18 -4.98 10.32 0.66
C PHE A 18 -6.47 10.02 0.80
N SER A 19 -6.83 8.75 0.66
CA SER A 19 -8.22 8.35 0.79
C SER A 19 -8.85 8.93 2.05
N LEU A 20 -8.06 8.96 3.13
CA LEU A 20 -8.54 9.49 4.39
C LEU A 20 -8.72 11.00 4.30
N GLY A 21 -7.62 11.72 4.13
CA GLY A 21 -7.66 13.18 4.03
C GLY A 21 -8.55 13.61 2.88
N TYR A 22 -9.08 12.64 2.13
CA TYR A 22 -9.95 12.94 1.00
C TYR A 22 -11.41 12.98 1.44
N LEU A 23 -11.89 11.88 2.02
CA LEU A 23 -13.27 11.82 2.46
C LEU A 23 -13.57 12.88 3.50
N LEU A 24 -13.03 12.70 4.71
CA LEU A 24 -13.26 13.67 5.79
C LEU A 24 -13.07 15.10 5.29
N ASP A 25 -12.49 15.24 4.10
CA ASP A 25 -12.27 16.55 3.52
C ASP A 25 -13.35 16.89 2.50
N LYS A 26 -13.89 15.85 1.85
CA LYS A 26 -14.94 16.06 0.85
C LYS A 26 -16.33 15.89 1.46
N LYS A 27 -16.40 15.12 2.53
CA LYS A 27 -17.68 14.88 3.21
C LYS A 27 -18.09 16.09 4.04
N LYS A 2 14.26 -4.51 -4.81
CA LYS A 2 12.97 -5.07 -4.41
C LYS A 2 12.46 -4.39 -3.15
N ASP A 3 13.12 -4.66 -2.03
CA ASP A 3 12.72 -4.07 -0.75
C ASP A 3 12.69 -2.55 -0.86
N GLN A 4 13.24 -2.03 -1.94
CA GLN A 4 13.28 -0.59 -2.14
C GLN A 4 12.04 -0.12 -2.90
N PHE A 5 11.36 -1.06 -3.55
CA PHE A 5 10.16 -0.74 -4.30
C PHE A 5 8.92 -0.87 -3.42
N ILE A 6 8.83 -1.97 -2.69
CA ILE A 6 7.70 -2.21 -1.81
C ILE A 6 7.49 -1.02 -0.87
N ILE A 7 8.48 -0.77 -0.02
CA ILE A 7 8.40 0.35 0.92
C ILE A 7 7.95 1.62 0.21
N ALA A 8 8.19 1.68 -1.10
CA ALA A 8 7.81 2.85 -1.88
C ALA A 8 6.29 2.96 -1.94
N TYR A 9 5.62 1.84 -2.16
CA TYR A 9 4.16 1.82 -2.25
C TYR A 9 3.55 1.56 -0.87
N GLY A 10 4.39 1.16 0.08
CA GLY A 10 3.91 0.88 1.43
C GLY A 10 3.17 -0.44 1.48
N GLY A 11 3.84 -1.52 1.10
CA GLY A 11 3.22 -2.85 1.11
C GLY A 11 2.18 -2.96 0.00
N LEU A 12 1.41 -1.89 -0.21
CA LEU A 12 0.38 -1.89 -1.24
C LEU A 12 0.90 -2.56 -2.50
N ARG A 13 1.91 -1.95 -3.13
CA ARG A 13 2.49 -2.50 -4.34
C ARG A 13 1.46 -2.47 -5.48
N GLY A 14 0.84 -1.31 -5.68
CA GLY A 14 -0.16 -1.17 -6.73
C GLY A 14 0.32 -1.82 -8.03
N ALA A 15 1.63 -1.90 -8.19
CA ALA A 15 2.19 -2.50 -9.39
C ALA A 15 1.49 -3.82 -9.72
N ILE A 16 0.81 -4.38 -8.72
CA ILE A 16 0.10 -5.65 -8.92
C ILE A 16 -1.33 -5.38 -9.36
N ALA A 17 -2.02 -4.50 -8.64
CA ALA A 17 -3.40 -4.16 -8.98
C ALA A 17 -3.51 -3.68 -10.42
N PHE A 18 -2.44 -3.05 -10.91
CA PHE A 18 -2.42 -2.55 -12.28
C PHE A 18 -1.95 -3.63 -13.24
N SER A 19 -0.86 -4.29 -12.89
CA SER A 19 -0.31 -5.35 -13.73
C SER A 19 -1.39 -6.38 -14.06
N LEU A 20 -2.27 -6.64 -13.09
CA LEU A 20 -3.34 -7.61 -13.29
C LEU A 20 -4.58 -6.91 -13.81
N GLY A 21 -4.69 -5.61 -13.53
CA GLY A 21 -5.84 -4.84 -13.98
C GLY A 21 -5.55 -4.20 -15.34
N TYR A 22 -4.37 -4.45 -15.87
CA TYR A 22 -3.98 -3.90 -17.17
C TYR A 22 -4.36 -4.85 -18.29
N LEU A 23 -4.24 -6.14 -18.03
CA LEU A 23 -4.58 -7.15 -19.04
C LEU A 23 -6.07 -7.12 -19.36
N LEU A 24 -6.86 -7.72 -18.47
CA LEU A 24 -8.31 -7.76 -18.66
C LEU A 24 -8.84 -6.39 -19.07
N ASP A 25 -8.03 -5.36 -18.84
CA ASP A 25 -8.43 -4.00 -19.18
C ASP A 25 -8.22 -3.75 -20.68
N LYS A 26 -7.13 -4.29 -21.21
CA LYS A 26 -6.82 -4.12 -22.63
C LYS A 26 -7.14 -5.40 -23.40
N LYS A 27 -6.69 -6.53 -22.88
CA LYS A 27 -6.93 -7.82 -23.53
C LYS A 27 -8.40 -8.21 -23.41
N LYS A 2 14.53 -4.62 -4.60
CA LYS A 2 13.19 -5.15 -4.53
C LYS A 2 12.43 -4.58 -3.33
N ASP A 3 13.15 -4.38 -2.23
CA ASP A 3 12.55 -3.85 -1.01
C ASP A 3 12.32 -2.34 -1.15
N GLN A 4 13.20 -1.68 -1.90
CA GLN A 4 13.09 -0.24 -2.10
C GLN A 4 11.81 0.10 -2.85
N PHE A 5 11.24 -0.91 -3.51
CA PHE A 5 10.01 -0.71 -4.26
C PHE A 5 8.79 -1.00 -3.38
N ILE A 6 8.97 -1.89 -2.43
CA ILE A 6 7.88 -2.25 -1.52
C ILE A 6 7.59 -1.11 -0.56
N ILE A 7 8.60 -0.73 0.22
CA ILE A 7 8.43 0.35 1.18
C ILE A 7 7.98 1.63 0.48
N ALA A 8 8.38 1.78 -0.78
CA ALA A 8 8.01 2.96 -1.55
C ALA A 8 6.55 2.87 -1.99
N TYR A 9 6.01 1.66 -1.96
CA TYR A 9 4.62 1.45 -2.36
C TYR A 9 3.69 1.59 -1.16
N GLY A 10 4.14 1.10 -0.01
CA GLY A 10 3.34 1.17 1.21
C GLY A 10 3.01 -0.22 1.72
N GLY A 11 3.85 -1.20 1.38
CA GLY A 11 3.63 -2.57 1.81
C GLY A 11 2.15 -2.94 1.72
N LEU A 12 1.48 -2.40 0.71
CA LEU A 12 0.06 -2.69 0.53
C LEU A 12 -0.13 -4.01 -0.20
N ARG A 13 0.79 -4.33 -1.11
CA ARG A 13 0.72 -5.58 -1.85
C ARG A 13 -0.71 -5.86 -2.29
N GLY A 14 -1.54 -4.82 -2.33
CA GLY A 14 -2.93 -4.96 -2.72
C GLY A 14 -3.15 -4.43 -4.14
N ALA A 15 -2.07 -4.27 -4.88
CA ALA A 15 -2.15 -3.76 -6.25
C ALA A 15 -1.35 -4.64 -7.20
N ILE A 16 -0.29 -5.26 -6.68
CA ILE A 16 0.55 -6.13 -7.50
C ILE A 16 -0.04 -7.55 -7.55
N ALA A 17 -0.39 -8.07 -6.38
CA ALA A 17 -0.96 -9.41 -6.30
C ALA A 17 -2.04 -9.60 -7.35
N PHE A 18 -2.71 -8.50 -7.70
CA PHE A 18 -3.77 -8.56 -8.70
C PHE A 18 -3.22 -8.32 -10.10
N SER A 19 -2.22 -7.45 -10.19
CA SER A 19 -1.61 -7.13 -11.47
C SER A 19 -1.06 -8.40 -12.13
N LEU A 20 -0.44 -9.26 -11.33
CA LEU A 20 0.12 -10.50 -11.84
C LEU A 20 -0.94 -11.60 -11.88
N GLY A 21 -1.97 -11.45 -11.05
CA GLY A 21 -3.04 -12.43 -11.01
C GLY A 21 -4.16 -12.08 -11.99
N TYR A 22 -3.95 -10.99 -12.73
CA TYR A 22 -4.94 -10.55 -13.71
C TYR A 22 -4.64 -11.14 -15.09
N LEU A 23 -3.36 -11.23 -15.42
CA LEU A 23 -2.95 -11.77 -16.71
C LEU A 23 -3.37 -13.23 -16.84
N LEU A 24 -2.60 -14.12 -16.22
CA LEU A 24 -2.89 -15.55 -16.28
C LEU A 24 -4.38 -15.79 -16.08
N ASP A 25 -5.05 -14.81 -15.48
CA ASP A 25 -6.48 -14.93 -15.22
C ASP A 25 -7.27 -14.78 -16.53
N LYS A 26 -6.88 -13.79 -17.33
CA LYS A 26 -7.55 -13.54 -18.60
C LYS A 26 -6.81 -14.25 -19.74
N LYS A 27 -5.50 -14.06 -19.79
CA LYS A 27 -4.68 -14.68 -20.82
C LYS A 27 -4.64 -16.19 -20.64
N LYS A 2 14.04 -4.30 -5.04
CA LYS A 2 12.91 -5.15 -4.70
C LYS A 2 12.36 -4.79 -3.32
N ASP A 3 13.26 -4.56 -2.38
CA ASP A 3 12.86 -4.19 -1.02
C ASP A 3 12.67 -2.68 -0.90
N GLN A 4 13.27 -1.94 -1.83
CA GLN A 4 13.16 -0.49 -1.82
C GLN A 4 11.98 -0.03 -2.65
N PHE A 5 11.34 -0.97 -3.34
CA PHE A 5 10.18 -0.66 -4.17
C PHE A 5 8.90 -0.79 -3.37
N ILE A 6 8.87 -1.77 -2.47
CA ILE A 6 7.69 -1.99 -1.64
C ILE A 6 7.48 -0.81 -0.69
N ILE A 7 8.52 -0.47 0.06
CA ILE A 7 8.44 0.64 0.99
C ILE A 7 7.95 1.90 0.27
N ALA A 8 8.23 1.97 -1.03
CA ALA A 8 7.81 3.13 -1.82
C ALA A 8 6.30 3.14 -2.01
N TYR A 9 5.72 1.96 -2.20
CA TYR A 9 4.27 1.86 -2.40
C TYR A 9 3.71 0.69 -1.61
N GLY A 10 4.07 -0.53 -2.01
CA GLY A 10 3.58 -1.73 -1.33
C GLY A 10 3.62 -1.56 0.18
N GLY A 11 4.38 -0.57 0.64
CA GLY A 11 4.50 -0.30 2.08
C GLY A 11 3.77 0.98 2.45
N LEU A 12 4.30 2.11 2.00
CA LEU A 12 3.69 3.40 2.29
C LEU A 12 2.24 3.42 1.80
N ARG A 13 2.08 3.51 0.48
CA ARG A 13 0.76 3.54 -0.12
C ARG A 13 -0.15 2.52 0.58
N GLY A 14 0.46 1.53 1.21
CA GLY A 14 -0.30 0.49 1.91
C GLY A 14 -0.94 1.06 3.17
N ALA A 15 -1.54 2.24 3.06
CA ALA A 15 -2.19 2.87 4.20
C ALA A 15 -3.17 3.95 3.75
N ILE A 16 -2.87 4.58 2.62
CA ILE A 16 -3.73 5.64 2.09
C ILE A 16 -5.05 5.05 1.60
N ALA A 17 -4.97 3.96 0.85
CA ALA A 17 -6.17 3.31 0.32
C ALA A 17 -6.98 2.69 1.45
N PHE A 18 -6.30 2.22 2.49
CA PHE A 18 -6.98 1.60 3.62
C PHE A 18 -7.48 2.66 4.60
N SER A 19 -6.66 3.67 4.84
CA SER A 19 -7.02 4.74 5.75
C SER A 19 -8.28 5.45 5.27
N LEU A 20 -8.54 5.37 3.97
CA LEU A 20 -9.71 6.01 3.40
C LEU A 20 -10.96 5.17 3.65
N GLY A 21 -10.99 3.96 3.11
CA GLY A 21 -12.12 3.06 3.29
C GLY A 21 -12.30 2.70 4.76
N TYR A 22 -11.22 2.84 5.53
CA TYR A 22 -11.27 2.52 6.95
C TYR A 22 -12.36 3.33 7.66
N LEU A 23 -12.61 4.52 7.16
CA LEU A 23 -13.63 5.39 7.75
C LEU A 23 -15.03 4.84 7.46
N LEU A 24 -15.45 4.95 6.21
CA LEU A 24 -16.77 4.47 5.82
C LEU A 24 -16.93 3.00 6.17
N ASP A 25 -15.85 2.36 6.57
CA ASP A 25 -15.88 0.94 6.93
C ASP A 25 -16.18 0.79 8.42
N LYS A 26 -15.63 1.69 9.23
CA LYS A 26 -15.83 1.64 10.67
C LYS A 26 -16.85 2.69 11.09
N LYS A 27 -16.60 3.95 10.72
CA LYS A 27 -17.51 5.03 11.07
C LYS A 27 -18.50 5.29 9.93
N LYS A 2 14.77 -4.55 -4.47
CA LYS A 2 13.42 -5.10 -4.49
C LYS A 2 12.60 -4.58 -3.32
N ASP A 3 13.27 -4.41 -2.17
CA ASP A 3 12.58 -3.93 -0.98
C ASP A 3 12.30 -2.43 -1.10
N GLN A 4 13.15 -1.73 -1.85
CA GLN A 4 12.99 -0.29 -2.04
C GLN A 4 11.75 -0.01 -2.89
N PHE A 5 11.12 -1.07 -3.39
CA PHE A 5 9.93 -0.92 -4.21
C PHE A 5 8.67 -0.95 -3.36
N ILE A 6 8.58 -1.96 -2.49
CA ILE A 6 7.43 -2.09 -1.61
C ILE A 6 7.36 -0.93 -0.63
N ILE A 7 8.43 -0.74 0.14
CA ILE A 7 8.49 0.33 1.12
C ILE A 7 8.24 1.68 0.44
N ALA A 8 8.24 1.68 -0.89
CA ALA A 8 8.02 2.90 -1.65
C ALA A 8 6.54 3.09 -1.94
N TYR A 9 5.84 1.97 -2.14
CA TYR A 9 4.41 2.01 -2.44
C TYR A 9 3.67 0.92 -1.68
N GLY A 10 3.92 -0.33 -2.07
CA GLY A 10 3.27 -1.46 -1.42
C GLY A 10 3.18 -1.27 0.08
N GLY A 11 4.11 -0.49 0.63
CA GLY A 11 4.13 -0.22 2.06
C GLY A 11 3.06 0.81 2.44
N LEU A 12 3.16 2.00 1.87
CA LEU A 12 2.20 3.05 2.15
C LEU A 12 0.80 2.66 1.67
N ARG A 13 0.76 1.78 0.66
CA ARG A 13 -0.52 1.34 0.11
C ARG A 13 -1.43 0.83 1.23
N GLY A 14 -0.87 0.70 2.43
CA GLY A 14 -1.64 0.22 3.57
C GLY A 14 -2.90 1.06 3.77
N ALA A 15 -2.88 2.28 3.23
CA ALA A 15 -4.03 3.17 3.36
C ALA A 15 -5.12 2.78 2.36
N ILE A 16 -4.74 2.00 1.36
CA ILE A 16 -5.70 1.57 0.34
C ILE A 16 -6.34 0.25 0.74
N ALA A 17 -5.50 -0.75 1.03
CA ALA A 17 -6.00 -2.07 1.41
C ALA A 17 -7.02 -1.94 2.54
N PHE A 18 -6.76 -1.01 3.47
CA PHE A 18 -7.67 -0.81 4.60
C PHE A 18 -8.97 -0.20 4.12
N SER A 19 -8.88 0.72 3.16
CA SER A 19 -10.06 1.37 2.62
C SER A 19 -10.92 0.37 1.84
N LEU A 20 -10.32 -0.77 1.50
CA LEU A 20 -11.03 -1.80 0.75
C LEU A 20 -11.88 -2.63 1.69
N GLY A 21 -11.22 -3.43 2.54
CA GLY A 21 -11.93 -4.28 3.48
C GLY A 21 -12.76 -3.45 4.45
N TYR A 22 -12.73 -2.13 4.29
CA TYR A 22 -13.47 -1.24 5.16
C TYR A 22 -14.89 -1.03 4.63
N LEU A 23 -15.02 -0.98 3.31
CA LEU A 23 -16.33 -0.78 2.68
C LEU A 23 -17.28 -1.92 3.02
N LEU A 24 -17.03 -3.09 2.43
CA LEU A 24 -17.88 -4.25 2.68
C LEU A 24 -18.14 -4.41 4.17
N ASP A 25 -17.35 -3.72 4.99
CA ASP A 25 -17.50 -3.79 6.43
C ASP A 25 -18.38 -2.65 6.93
N LYS A 26 -18.28 -1.49 6.27
CA LYS A 26 -19.08 -0.33 6.66
C LYS A 26 -20.44 -0.36 5.97
N LYS A 27 -20.52 -1.10 4.87
CA LYS A 27 -21.78 -1.19 4.12
C LYS A 27 -22.80 -2.02 4.90
N LYS A 2 13.80 -4.98 -4.82
CA LYS A 2 12.37 -5.16 -4.59
C LYS A 2 11.97 -4.56 -3.25
N ASP A 3 12.85 -4.68 -2.26
CA ASP A 3 12.57 -4.14 -0.94
C ASP A 3 12.66 -2.62 -0.94
N GLN A 4 13.34 -2.08 -1.95
CA GLN A 4 13.49 -0.63 -2.06
C GLN A 4 12.27 -0.02 -2.75
N PHE A 5 11.54 -0.83 -3.49
CA PHE A 5 10.34 -0.37 -4.18
C PHE A 5 9.11 -0.53 -3.30
N ILE A 6 9.06 -1.63 -2.56
CA ILE A 6 7.92 -1.89 -1.69
C ILE A 6 7.66 -0.71 -0.77
N ILE A 7 8.61 -0.45 0.13
CA ILE A 7 8.48 0.67 1.06
C ILE A 7 7.94 1.90 0.34
N ALA A 8 8.11 1.92 -0.98
CA ALA A 8 7.63 3.05 -1.78
C ALA A 8 6.13 2.95 -2.00
N TYR A 9 5.65 1.74 -2.23
CA TYR A 9 4.22 1.52 -2.45
C TYR A 9 3.73 0.31 -1.65
N GLY A 10 4.26 -0.87 -2.00
CA GLY A 10 3.87 -2.09 -1.31
C GLY A 10 3.73 -1.86 0.19
N GLY A 11 4.39 -0.81 0.69
CA GLY A 11 4.33 -0.49 2.10
C GLY A 11 3.15 0.44 2.39
N LEU A 12 3.30 1.70 2.03
CA LEU A 12 2.24 2.68 2.25
C LEU A 12 0.93 2.16 1.66
N ARG A 13 1.04 1.18 0.77
CA ARG A 13 -0.13 0.58 0.13
C ARG A 13 -0.71 1.52 -0.92
N GLY A 14 0.18 2.20 -1.65
CA GLY A 14 -0.25 3.13 -2.69
C GLY A 14 -0.88 2.39 -3.86
N ALA A 15 -0.69 1.07 -3.89
CA ALA A 15 -1.24 0.25 -4.96
C ALA A 15 -2.74 0.52 -5.12
N ILE A 16 -3.34 1.07 -4.07
CA ILE A 16 -4.76 1.37 -4.09
C ILE A 16 -4.99 2.80 -4.59
N ALA A 17 -4.33 3.75 -3.95
CA ALA A 17 -4.46 5.15 -4.34
C ALA A 17 -4.28 5.32 -5.85
N PHE A 18 -3.35 4.56 -6.41
CA PHE A 18 -3.08 4.64 -7.84
C PHE A 18 -4.24 4.05 -8.63
N SER A 19 -4.82 2.97 -8.11
CA SER A 19 -5.94 2.32 -8.77
C SER A 19 -7.18 3.22 -8.74
N LEU A 20 -7.11 4.27 -7.94
CA LEU A 20 -8.23 5.21 -7.82
C LEU A 20 -8.15 6.28 -8.91
N GLY A 21 -7.06 7.02 -8.91
CA GLY A 21 -6.87 8.08 -9.90
C GLY A 21 -6.60 7.50 -11.28
N TYR A 22 -6.60 6.18 -11.37
CA TYR A 22 -6.35 5.51 -12.65
C TYR A 22 -7.66 5.29 -13.40
N LEU A 23 -8.72 5.02 -12.66
CA LEU A 23 -10.04 4.78 -13.27
C LEU A 23 -10.55 6.05 -13.94
N LEU A 24 -11.05 6.98 -13.13
CA LEU A 24 -11.58 8.23 -13.65
C LEU A 24 -10.65 8.83 -14.70
N ASP A 25 -9.41 8.35 -14.72
CA ASP A 25 -8.42 8.84 -15.68
C ASP A 25 -8.51 8.04 -16.98
N LYS A 26 -8.64 6.72 -16.86
CA LYS A 26 -8.73 5.86 -18.02
C LYS A 26 -10.16 5.38 -18.22
N LYS A 27 -10.74 4.81 -17.17
CA LYS A 27 -12.11 4.31 -17.25
C LYS A 27 -13.05 5.41 -17.72
N LYS A 2 14.13 -4.70 -4.72
CA LYS A 2 12.71 -4.96 -4.48
C LYS A 2 12.28 -4.37 -3.14
N ASP A 3 13.12 -4.54 -2.13
CA ASP A 3 12.82 -4.02 -0.81
C ASP A 3 12.66 -2.50 -0.85
N GLN A 4 13.27 -1.87 -1.84
CA GLN A 4 13.18 -0.41 -1.98
C GLN A 4 11.98 -0.04 -2.84
N PHE A 5 11.45 -1.00 -3.58
CA PHE A 5 10.30 -0.76 -4.44
C PHE A 5 9.01 -1.01 -3.69
N ILE A 6 9.07 -1.84 -2.65
CA ILE A 6 7.90 -2.16 -1.86
C ILE A 6 7.61 -1.04 -0.87
N ILE A 7 8.60 -0.71 -0.05
CA ILE A 7 8.44 0.34 0.94
C ILE A 7 7.91 1.62 0.29
N ALA A 8 8.28 1.83 -0.97
CA ALA A 8 7.84 3.01 -1.69
C ALA A 8 6.32 2.98 -1.90
N TYR A 9 5.76 1.78 -1.99
CA TYR A 9 4.33 1.62 -2.18
C TYR A 9 3.61 1.60 -0.84
N GLY A 10 4.36 1.35 0.23
CA GLY A 10 3.78 1.29 1.57
C GLY A 10 3.39 -0.14 1.94
N GLY A 11 3.99 -1.10 1.25
CA GLY A 11 3.70 -2.51 1.52
C GLY A 11 2.20 -2.71 1.72
N LEU A 12 1.40 -2.09 0.88
CA LEU A 12 -0.06 -2.21 0.97
C LEU A 12 -0.50 -3.60 0.54
N ARG A 13 0.33 -4.27 -0.27
CA ARG A 13 0.01 -5.60 -0.75
C ARG A 13 -0.39 -6.50 0.42
N GLY A 14 -0.16 -6.02 1.64
CA GLY A 14 -0.50 -6.79 2.83
C GLY A 14 -1.94 -7.29 2.76
N ALA A 15 -2.69 -6.78 1.79
CA ALA A 15 -4.08 -7.18 1.62
C ALA A 15 -4.20 -8.31 0.61
N ILE A 16 -3.23 -8.40 -0.30
CA ILE A 16 -3.24 -9.44 -1.31
C ILE A 16 -2.63 -10.73 -0.75
N ALA A 17 -1.42 -10.62 -0.22
CA ALA A 17 -0.73 -11.77 0.34
C ALA A 17 -1.64 -12.53 1.30
N PHE A 18 -2.56 -11.81 1.93
CA PHE A 18 -3.49 -12.42 2.87
C PHE A 18 -4.74 -12.93 2.14
N SER A 19 -5.22 -12.13 1.20
CA SER A 19 -6.41 -12.49 0.44
C SER A 19 -6.18 -13.80 -0.31
N LEU A 20 -4.96 -14.00 -0.82
CA LEU A 20 -4.63 -15.20 -1.54
C LEU A 20 -4.08 -16.26 -0.58
N GLY A 21 -3.52 -15.80 0.54
CA GLY A 21 -2.98 -16.71 1.53
C GLY A 21 -4.02 -17.04 2.60
N TYR A 22 -5.22 -16.48 2.44
CA TYR A 22 -6.29 -16.72 3.39
C TYR A 22 -7.04 -18.02 3.06
N LEU A 23 -7.24 -18.26 1.77
CA LEU A 23 -7.95 -19.48 1.35
C LEU A 23 -7.17 -20.72 1.77
N LEU A 24 -6.00 -20.91 1.18
CA LEU A 24 -5.18 -22.08 1.50
C LEU A 24 -4.99 -22.21 3.01
N ASP A 25 -5.13 -21.09 3.72
CA ASP A 25 -4.98 -21.09 5.16
C ASP A 25 -6.20 -21.71 5.83
N LYS A 26 -7.38 -21.41 5.28
CA LYS A 26 -8.62 -21.94 5.82
C LYS A 26 -9.17 -23.05 4.94
N LYS A 27 -9.55 -22.69 3.71
CA LYS A 27 -10.09 -23.65 2.77
C LYS A 27 -8.98 -24.20 1.86
N LYS A 2 14.05 -4.78 -4.90
CA LYS A 2 12.64 -5.11 -4.64
C LYS A 2 12.21 -4.58 -3.28
N ASP A 3 13.11 -4.64 -2.31
CA ASP A 3 12.81 -4.15 -0.96
C ASP A 3 12.78 -2.63 -0.93
N GLN A 4 13.32 -2.01 -1.98
CA GLN A 4 13.35 -0.55 -2.06
C GLN A 4 12.09 -0.02 -2.76
N PHE A 5 11.43 -0.90 -3.52
CA PHE A 5 10.22 -0.51 -4.23
C PHE A 5 8.99 -0.78 -3.37
N ILE A 6 9.10 -1.75 -2.47
CA ILE A 6 7.98 -2.10 -1.60
C ILE A 6 7.65 -0.94 -0.68
N ILE A 7 8.65 -0.48 0.09
CA ILE A 7 8.43 0.62 1.01
C ILE A 7 7.80 1.81 0.29
N ALA A 8 8.24 2.06 -0.95
CA ALA A 8 7.71 3.16 -1.73
C ALA A 8 6.22 2.98 -1.96
N TYR A 9 5.81 1.74 -2.21
CA TYR A 9 4.40 1.45 -2.45
C TYR A 9 3.65 1.40 -1.12
N GLY A 10 4.39 1.37 -0.02
CA GLY A 10 3.77 1.33 1.30
C GLY A 10 3.08 -0.02 1.53
N GLY A 11 3.80 -1.11 1.30
CA GLY A 11 3.24 -2.44 1.48
C GLY A 11 1.99 -2.62 0.63
N LEU A 12 1.68 -1.62 -0.18
CA LEU A 12 0.50 -1.68 -1.04
C LEU A 12 0.68 -2.75 -2.12
N ARG A 13 1.83 -2.72 -2.78
CA ARG A 13 2.12 -3.68 -3.84
C ARG A 13 1.25 -3.41 -5.07
N GLY A 14 0.00 -3.04 -4.83
CA GLY A 14 -0.92 -2.76 -5.93
C GLY A 14 -1.54 -4.05 -6.46
N ALA A 15 -1.23 -5.16 -5.80
CA ALA A 15 -1.76 -6.46 -6.21
C ALA A 15 -2.31 -7.22 -5.02
N ILE A 16 -1.69 -7.02 -3.86
CA ILE A 16 -2.13 -7.69 -2.64
C ILE A 16 -3.41 -7.04 -2.11
N ALA A 17 -3.45 -5.71 -2.16
CA ALA A 17 -4.62 -4.98 -1.67
C ALA A 17 -5.88 -5.45 -2.39
N PHE A 18 -5.73 -5.85 -3.65
CA PHE A 18 -6.86 -6.31 -4.44
C PHE A 18 -7.04 -7.82 -4.28
N SER A 19 -5.92 -8.56 -4.35
CA SER A 19 -5.98 -10.00 -4.21
C SER A 19 -6.67 -10.40 -2.91
N LEU A 20 -6.45 -9.61 -1.86
CA LEU A 20 -7.06 -9.90 -0.57
C LEU A 20 -8.40 -9.17 -0.47
N GLY A 21 -8.54 -8.09 -1.22
CA GLY A 21 -9.78 -7.32 -1.20
C GLY A 21 -10.75 -7.82 -2.27
N TYR A 22 -10.33 -8.85 -3.00
CA TYR A 22 -11.16 -9.42 -4.05
C TYR A 22 -12.09 -10.50 -3.49
N LEU A 23 -11.56 -11.29 -2.56
CA LEU A 23 -12.35 -12.36 -1.95
C LEU A 23 -13.52 -11.79 -1.17
N LEU A 24 -13.24 -11.29 0.04
CA LEU A 24 -14.28 -10.72 0.88
C LEU A 24 -15.20 -9.81 0.08
N ASP A 25 -14.73 -9.40 -1.10
CA ASP A 25 -15.51 -8.52 -1.96
C ASP A 25 -16.47 -9.34 -2.82
N LYS A 26 -15.97 -10.44 -3.36
CA LYS A 26 -16.79 -11.31 -4.21
C LYS A 26 -17.20 -12.57 -3.44
N LYS A 27 -16.21 -13.34 -3.01
CA LYS A 27 -16.47 -14.56 -2.27
C LYS A 27 -17.32 -14.27 -1.03
N LYS A 2 14.34 -4.63 -4.75
CA LYS A 2 13.04 -5.28 -4.68
C LYS A 2 12.32 -4.91 -3.39
N ASP A 3 13.09 -4.61 -2.34
CA ASP A 3 12.51 -4.25 -1.06
C ASP A 3 12.47 -2.73 -0.91
N GLN A 4 13.12 -2.04 -1.84
CA GLN A 4 13.17 -0.59 -1.82
C GLN A 4 12.00 -0.02 -2.62
N PHE A 5 11.44 -0.85 -3.49
CA PHE A 5 10.32 -0.43 -4.32
C PHE A 5 9.00 -0.65 -3.58
N ILE A 6 9.05 -1.50 -2.55
CA ILE A 6 7.87 -1.79 -1.76
C ILE A 6 7.62 -0.68 -0.74
N ILE A 7 8.66 -0.31 0.00
CA ILE A 7 8.54 0.74 1.00
C ILE A 7 7.96 2.00 0.37
N ALA A 8 8.12 2.13 -0.94
CA ALA A 8 7.61 3.29 -1.66
C ALA A 8 6.13 3.12 -2.00
N TYR A 9 5.69 1.87 -2.05
CA TYR A 9 4.29 1.58 -2.36
C TYR A 9 3.73 0.51 -1.42
N GLY A 10 3.98 -0.75 -1.76
CA GLY A 10 3.50 -1.87 -0.96
C GLY A 10 3.59 -1.56 0.54
N GLY A 11 4.49 -0.63 0.88
CA GLY A 11 4.67 -0.25 2.28
C GLY A 11 3.98 1.07 2.57
N LEU A 12 3.98 1.97 1.58
CA LEU A 12 3.37 3.27 1.75
C LEU A 12 1.85 3.16 1.64
N ARG A 13 1.36 2.99 0.42
CA ARG A 13 -0.08 2.86 0.19
C ARG A 13 -0.76 4.22 0.33
N GLY A 14 -0.24 5.05 1.22
CA GLY A 14 -0.81 6.38 1.44
C GLY A 14 -1.99 6.31 2.39
N ALA A 15 -2.59 5.14 2.51
CA ALA A 15 -3.74 4.95 3.39
C ALA A 15 -3.31 4.23 4.67
N ILE A 16 -2.21 3.49 4.58
CA ILE A 16 -1.71 2.76 5.74
C ILE A 16 -0.72 3.61 6.52
N ALA A 17 0.07 4.40 5.81
CA ALA A 17 1.05 5.27 6.45
C ALA A 17 0.36 6.31 7.33
N PHE A 18 -0.86 6.66 6.95
CA PHE A 18 -1.62 7.65 7.71
C PHE A 18 -2.27 7.01 8.94
N SER A 19 -2.99 5.90 8.72
CA SER A 19 -3.65 5.21 9.81
C SER A 19 -2.65 4.74 10.85
N LEU A 20 -1.36 4.77 10.49
CA LEU A 20 -0.31 4.35 11.40
C LEU A 20 0.19 5.52 12.25
N GLY A 21 0.56 6.61 11.57
CA GLY A 21 1.05 7.79 12.26
C GLY A 21 -0.10 8.65 12.76
N TYR A 22 -1.32 8.31 12.33
CA TYR A 22 -2.50 9.06 12.73
C TYR A 22 -2.59 9.14 14.26
N LEU A 23 -2.25 8.06 14.93
CA LEU A 23 -2.31 8.02 16.39
C LEU A 23 -1.30 9.01 17.00
N LEU A 24 -0.02 8.68 16.88
CA LEU A 24 1.02 9.55 17.44
C LEU A 24 0.88 10.98 16.92
N ASP A 25 0.02 11.15 15.92
CA ASP A 25 -0.20 12.48 15.34
C ASP A 25 -1.38 13.15 16.02
N LYS A 26 -2.39 12.36 16.39
CA LYS A 26 -3.58 12.89 17.04
C LYS A 26 -3.64 12.42 18.50
N LYS A 27 -3.54 11.12 18.70
CA LYS A 27 -3.58 10.55 20.04
C LYS A 27 -2.77 11.40 21.00
N LYS A 2 14.51 -4.36 -4.48
CA LYS A 2 13.37 -5.19 -4.15
C LYS A 2 12.52 -4.52 -3.07
N ASP A 3 13.06 -4.44 -1.86
CA ASP A 3 12.34 -3.82 -0.76
C ASP A 3 12.16 -2.33 -0.99
N GLN A 4 13.08 -1.75 -1.76
CA GLN A 4 13.01 -0.32 -2.07
C GLN A 4 11.82 -0.01 -2.97
N PHE A 5 11.24 -1.06 -3.55
CA PHE A 5 10.09 -0.89 -4.43
C PHE A 5 8.79 -0.97 -3.65
N ILE A 6 8.72 -1.91 -2.72
CA ILE A 6 7.53 -2.08 -1.90
C ILE A 6 7.46 -0.99 -0.83
N ILE A 7 8.55 -0.83 -0.09
CA ILE A 7 8.60 0.19 0.96
C ILE A 7 8.30 1.57 0.38
N ALA A 8 8.25 1.65 -0.95
CA ALA A 8 7.97 2.92 -1.62
C ALA A 8 6.47 3.09 -1.82
N TYR A 9 5.77 1.98 -2.05
CA TYR A 9 4.33 2.02 -2.27
C TYR A 9 3.64 0.91 -1.48
N GLY A 10 3.77 -0.32 -1.97
CA GLY A 10 3.15 -1.46 -1.30
C GLY A 10 3.29 -1.35 0.22
N GLY A 11 4.31 -0.63 0.66
CA GLY A 11 4.54 -0.46 2.09
C GLY A 11 4.11 0.93 2.54
N LEU A 12 4.63 1.96 1.88
CA LEU A 12 4.29 3.33 2.23
C LEU A 12 2.78 3.47 2.43
N ARG A 13 2.02 3.30 1.35
CA ARG A 13 0.57 3.42 1.42
C ARG A 13 0.05 2.73 2.68
N GLY A 14 0.85 1.83 3.24
CA GLY A 14 0.45 1.11 4.45
C GLY A 14 0.50 2.02 5.67
N ALA A 15 0.21 3.30 5.46
CA ALA A 15 0.23 4.27 6.55
C ALA A 15 -0.99 5.18 6.48
N ILE A 16 -1.13 5.88 5.36
CA ILE A 16 -2.26 6.78 5.17
C ILE A 16 -3.57 6.08 5.48
N ALA A 17 -3.66 4.81 5.11
CA ALA A 17 -4.86 4.04 5.36
C ALA A 17 -5.13 3.90 6.85
N PHE A 18 -4.06 3.96 7.64
CA PHE A 18 -4.17 3.85 9.09
C PHE A 18 -4.44 5.22 9.70
N SER A 19 -3.71 6.23 9.24
CA SER A 19 -3.88 7.59 9.76
C SER A 19 -5.32 8.05 9.59
N LEU A 20 -6.01 7.45 8.62
CA LEU A 20 -7.40 7.81 8.36
C LEU A 20 -8.34 7.04 9.27
N GLY A 21 -8.08 5.74 9.40
CA GLY A 21 -8.91 4.89 10.25
C GLY A 21 -8.55 5.07 11.72
N TYR A 22 -7.58 5.94 11.98
CA TYR A 22 -7.15 6.20 13.36
C TYR A 22 -7.98 7.31 13.98
N LEU A 23 -8.31 8.32 13.18
CA LEU A 23 -9.10 9.44 13.67
C LEU A 23 -10.51 8.98 14.07
N LEU A 24 -11.35 8.76 13.07
CA LEU A 24 -12.72 8.32 13.33
C LEU A 24 -12.73 7.18 14.35
N ASP A 25 -11.58 6.56 14.55
CA ASP A 25 -11.47 5.46 15.50
C ASP A 25 -11.36 5.99 16.93
N LYS A 26 -10.63 7.09 17.08
CA LYS A 26 -10.44 7.69 18.40
C LYS A 26 -11.32 8.93 18.54
N LYS A 27 -11.11 9.91 17.68
CA LYS A 27 -11.88 11.15 17.71
C LYS A 27 -13.17 10.99 16.92
N LYS A 2 14.30 -4.87 -4.64
CA LYS A 2 12.87 -5.17 -4.61
C LYS A 2 12.23 -4.59 -3.35
N ASP A 3 12.96 -4.63 -2.24
CA ASP A 3 12.45 -4.11 -0.99
C ASP A 3 12.44 -2.58 -1.00
N GLN A 4 13.20 -2.00 -1.93
CA GLN A 4 13.27 -0.55 -2.04
C GLN A 4 12.04 -0.01 -2.77
N PHE A 5 11.37 -0.89 -3.49
CA PHE A 5 10.17 -0.50 -4.24
C PHE A 5 8.92 -0.68 -3.38
N ILE A 6 8.97 -1.67 -2.49
CA ILE A 6 7.84 -1.95 -1.62
C ILE A 6 7.61 -0.79 -0.64
N ILE A 7 8.63 -0.49 0.15
CA ILE A 7 8.53 0.60 1.12
C ILE A 7 8.10 1.90 0.44
N ALA A 8 8.15 1.90 -0.89
CA ALA A 8 7.76 3.08 -1.65
C ALA A 8 6.28 3.03 -2.02
N TYR A 9 5.73 1.82 -2.06
CA TYR A 9 4.32 1.66 -2.40
C TYR A 9 3.72 0.49 -1.62
N GLY A 10 4.30 -0.70 -1.79
CA GLY A 10 3.81 -1.88 -1.10
C GLY A 10 3.87 -1.71 0.41
N GLY A 11 4.56 -0.65 0.85
CA GLY A 11 4.68 -0.39 2.28
C GLY A 11 4.26 1.04 2.61
N LEU A 12 4.05 1.85 1.57
CA LEU A 12 3.63 3.23 1.76
C LEU A 12 2.24 3.27 2.39
N ARG A 13 1.21 3.15 1.56
CA ARG A 13 -0.17 3.18 2.04
C ARG A 13 -0.33 4.14 3.21
N GLY A 14 -0.14 5.43 2.94
CA GLY A 14 -0.27 6.45 3.98
C GLY A 14 -1.60 7.19 3.85
N ALA A 15 -2.21 7.09 2.67
CA ALA A 15 -3.48 7.74 2.42
C ALA A 15 -4.49 6.75 1.86
N ILE A 16 -4.02 5.55 1.57
CA ILE A 16 -4.89 4.51 1.03
C ILE A 16 -5.51 3.69 2.16
N ALA A 17 -4.74 3.47 3.21
CA ALA A 17 -5.21 2.70 4.35
C ALA A 17 -6.25 3.49 5.13
N PHE A 18 -6.15 4.80 5.09
CA PHE A 18 -7.09 5.67 5.79
C PHE A 18 -8.41 5.75 5.05
N SER A 19 -8.34 6.16 3.78
CA SER A 19 -9.55 6.27 2.96
C SER A 19 -10.31 4.95 2.95
N LEU A 20 -9.70 3.90 3.50
CA LEU A 20 -10.33 2.59 3.55
C LEU A 20 -11.16 2.46 4.82
N GLY A 21 -10.50 2.50 5.96
CA GLY A 21 -11.19 2.37 7.24
C GLY A 21 -12.03 3.61 7.54
N TYR A 22 -12.03 4.56 6.61
CA TYR A 22 -12.78 5.79 6.78
C TYR A 22 -14.19 5.64 6.21
N LEU A 23 -14.31 4.88 5.12
CA LEU A 23 -15.60 4.68 4.48
C LEU A 23 -16.53 3.87 5.39
N LEU A 24 -16.31 2.57 5.44
CA LEU A 24 -17.13 1.70 6.26
C LEU A 24 -17.35 2.31 7.65
N ASP A 25 -16.52 3.28 8.00
CA ASP A 25 -16.63 3.94 9.29
C ASP A 25 -17.63 5.09 9.22
N LYS A 26 -17.55 5.86 8.14
CA LYS A 26 -18.45 7.00 7.97
C LYS A 26 -19.53 6.67 6.93
N LYS A 27 -19.10 6.36 5.72
CA LYS A 27 -20.03 6.02 4.65
C LYS A 27 -21.25 6.92 4.69
N LYS A 2 13.61 -5.12 -4.71
CA LYS A 2 12.16 -5.24 -4.48
C LYS A 2 11.78 -4.56 -3.17
N ASP A 3 12.66 -4.68 -2.17
CA ASP A 3 12.40 -4.07 -0.87
C ASP A 3 12.55 -2.55 -0.94
N GLN A 4 13.11 -2.06 -2.04
CA GLN A 4 13.30 -0.64 -2.23
C GLN A 4 12.09 -0.01 -2.89
N PHE A 5 11.31 -0.84 -3.58
CA PHE A 5 10.12 -0.35 -4.26
C PHE A 5 8.90 -0.45 -3.35
N ILE A 6 8.88 -1.50 -2.52
CA ILE A 6 7.77 -1.71 -1.60
C ILE A 6 7.69 -0.56 -0.59
N ILE A 7 8.82 -0.26 0.04
CA ILE A 7 8.87 0.81 1.03
C ILE A 7 8.14 2.04 0.51
N ALA A 8 8.20 2.24 -0.81
CA ALA A 8 7.54 3.38 -1.42
C ALA A 8 6.07 3.06 -1.71
N TYR A 9 5.82 1.81 -2.12
CA TYR A 9 4.46 1.37 -2.42
C TYR A 9 4.24 -0.05 -1.92
N GLY A 10 3.74 -0.17 -0.70
CA GLY A 10 3.48 -1.48 -0.11
C GLY A 10 3.95 -1.54 1.33
N GLY A 11 4.81 -0.60 1.70
CA GLY A 11 5.35 -0.54 3.06
C GLY A 11 5.00 0.79 3.72
N LEU A 12 4.11 1.55 3.09
CA LEU A 12 3.71 2.84 3.63
C LEU A 12 2.28 2.78 4.15
N ARG A 13 1.47 1.91 3.56
CA ARG A 13 0.08 1.76 3.98
C ARG A 13 0.01 1.11 5.36
N GLY A 14 1.16 0.67 5.85
CA GLY A 14 1.23 0.02 7.16
C GLY A 14 2.24 0.71 8.06
N ALA A 15 2.64 1.92 7.67
CA ALA A 15 3.62 2.68 8.45
C ALA A 15 2.92 3.77 9.26
N ILE A 16 1.79 4.26 8.75
CA ILE A 16 1.05 5.29 9.45
C ILE A 16 0.04 4.67 10.41
N ALA A 17 -0.75 3.73 9.90
CA ALA A 17 -1.75 3.06 10.73
C ALA A 17 -1.14 2.62 12.06
N PHE A 18 0.16 2.34 12.04
CA PHE A 18 0.86 1.92 13.25
C PHE A 18 1.43 3.12 13.99
N SER A 19 1.82 4.15 13.24
CA SER A 19 2.38 5.35 13.83
C SER A 19 1.36 6.04 14.73
N LEU A 20 0.10 6.04 14.31
CA LEU A 20 -0.95 6.66 15.09
C LEU A 20 -1.56 5.67 16.08
N GLY A 21 -1.42 4.38 15.77
CA GLY A 21 -1.96 3.34 16.64
C GLY A 21 -0.92 2.91 17.67
N TYR A 22 0.24 3.54 17.63
CA TYR A 22 1.32 3.21 18.56
C TYR A 22 1.24 4.11 19.81
N LEU A 23 0.91 5.37 19.59
CA LEU A 23 0.82 6.32 20.70
C LEU A 23 -0.26 5.89 21.69
N LEU A 24 -1.51 6.17 21.35
CA LEU A 24 -2.63 5.80 22.22
C LEU A 24 -2.44 4.40 22.77
N ASP A 25 -1.62 3.61 22.10
CA ASP A 25 -1.36 2.24 22.53
C ASP A 25 -0.46 2.23 23.76
N LYS A 26 0.58 3.06 23.74
CA LYS A 26 1.51 3.13 24.86
C LYS A 26 1.12 4.27 25.80
N LYS A 27 0.91 5.45 25.23
CA LYS A 27 0.53 6.62 26.02
C LYS A 27 -0.78 6.35 26.77
N LYS A 2 13.33 -4.44 -5.18
CA LYS A 2 12.10 -4.88 -4.55
C LYS A 2 11.96 -4.26 -3.15
N ASP A 3 12.78 -4.73 -2.22
CA ASP A 3 12.74 -4.22 -0.86
C ASP A 3 12.77 -2.70 -0.85
N GLN A 4 13.34 -2.12 -1.90
CA GLN A 4 13.44 -0.67 -2.02
C GLN A 4 12.22 -0.10 -2.73
N PHE A 5 11.50 -0.97 -3.44
CA PHE A 5 10.30 -0.55 -4.15
C PHE A 5 9.07 -0.68 -3.27
N ILE A 6 8.99 -1.77 -2.52
CA ILE A 6 7.85 -2.00 -1.64
C ILE A 6 7.62 -0.79 -0.74
N ILE A 7 8.58 -0.52 0.15
CA ILE A 7 8.45 0.61 1.06
C ILE A 7 7.97 1.86 0.31
N ALA A 8 8.17 1.86 -1.01
CA ALA A 8 7.75 2.98 -1.84
C ALA A 8 6.25 2.92 -2.09
N TYR A 9 5.73 1.72 -2.27
CA TYR A 9 4.31 1.53 -2.51
C TYR A 9 3.76 0.38 -1.68
N GLY A 10 4.27 -0.82 -1.91
CA GLY A 10 3.82 -1.99 -1.18
C GLY A 10 3.77 -1.71 0.32
N GLY A 11 4.40 -0.61 0.73
CA GLY A 11 4.42 -0.23 2.14
C GLY A 11 4.14 1.26 2.30
N LEU A 12 3.31 1.80 1.42
CA LEU A 12 2.96 3.22 1.47
C LEU A 12 1.53 3.41 1.95
N ARG A 13 0.66 2.48 1.56
CA ARG A 13 -0.74 2.55 1.96
C ARG A 13 -0.88 3.00 3.41
N GLY A 14 0.17 2.80 4.19
CA GLY A 14 0.15 3.19 5.60
C GLY A 14 0.15 4.70 5.75
N ALA A 15 0.04 5.41 4.62
CA ALA A 15 0.02 6.86 4.63
C ALA A 15 -1.16 7.40 3.82
N ILE A 16 -1.85 6.49 3.13
CA ILE A 16 -3.00 6.89 2.33
C ILE A 16 -4.28 6.83 3.16
N ALA A 17 -4.56 5.64 3.69
CA ALA A 17 -5.77 5.46 4.50
C ALA A 17 -5.89 6.56 5.55
N PHE A 18 -4.75 7.10 5.97
CA PHE A 18 -4.75 8.16 6.97
C PHE A 18 -4.83 9.53 6.30
N SER A 19 -3.97 9.75 5.31
CA SER A 19 -3.95 11.02 4.60
C SER A 19 -5.34 11.37 4.09
N LEU A 20 -6.10 10.34 3.72
CA LEU A 20 -7.46 10.54 3.21
C LEU A 20 -8.45 10.49 4.37
N GLY A 21 -8.08 9.79 5.44
CA GLY A 21 -8.95 9.68 6.60
C GLY A 21 -8.65 10.79 7.62
N TYR A 22 -7.69 11.63 7.29
CA TYR A 22 -7.30 12.72 8.17
C TYR A 22 -8.11 13.98 7.85
N LEU A 23 -8.45 14.16 6.58
CA LEU A 23 -9.21 15.32 6.16
C LEU A 23 -10.66 15.23 6.63
N LEU A 24 -11.45 14.44 5.94
CA LEU A 24 -12.85 14.26 6.30
C LEU A 24 -13.01 14.07 7.80
N ASP A 25 -11.90 13.72 8.46
CA ASP A 25 -11.93 13.50 9.90
C ASP A 25 -11.84 14.83 10.64
N LYS A 26 -11.09 15.76 10.07
CA LYS A 26 -10.93 17.09 10.68
C LYS A 26 -11.66 18.14 9.86
N LYS A 27 -11.26 18.29 8.60
CA LYS A 27 -11.89 19.27 7.72
C LYS A 27 -13.20 18.74 7.18
N LYS A 2 14.01 -4.77 -4.44
CA LYS A 2 12.64 -5.17 -4.15
C LYS A 2 12.13 -4.45 -2.91
N ASP A 3 13.02 -4.23 -1.94
CA ASP A 3 12.64 -3.56 -0.71
C ASP A 3 12.51 -2.06 -0.93
N GLN A 4 13.20 -1.56 -1.95
CA GLN A 4 13.16 -0.13 -2.25
C GLN A 4 11.89 0.22 -3.02
N PHE A 5 11.33 -0.78 -3.70
CA PHE A 5 10.11 -0.57 -4.47
C PHE A 5 8.89 -0.87 -3.61
N ILE A 6 8.92 -1.99 -2.91
CA ILE A 6 7.81 -2.38 -2.05
C ILE A 6 7.59 -1.34 -0.96
N ILE A 7 8.63 -1.04 -0.21
CA ILE A 7 8.55 -0.05 0.86
C ILE A 7 8.04 1.28 0.31
N ALA A 8 8.47 1.62 -0.90
CA ALA A 8 8.06 2.86 -1.52
C ALA A 8 6.56 2.83 -1.83
N TYR A 9 6.02 1.63 -1.96
CA TYR A 9 4.59 1.47 -2.24
C TYR A 9 3.78 1.54 -0.97
N GLY A 10 4.27 0.89 0.09
CA GLY A 10 3.58 0.88 1.38
C GLY A 10 3.23 -0.54 1.79
N GLY A 11 3.97 -1.51 1.26
CA GLY A 11 3.73 -2.91 1.60
C GLY A 11 2.24 -3.24 1.51
N LEU A 12 1.51 -2.46 0.72
CA LEU A 12 0.07 -2.70 0.57
C LEU A 12 -0.18 -3.96 -0.25
N ARG A 13 0.69 -4.21 -1.23
CA ARG A 13 0.55 -5.39 -2.08
C ARG A 13 -0.91 -5.58 -2.50
N GLY A 14 -1.70 -4.53 -2.36
CA GLY A 14 -3.11 -4.59 -2.75
C GLY A 14 -3.27 -4.39 -4.25
N ALA A 15 -2.33 -3.68 -4.85
CA ALA A 15 -2.39 -3.41 -6.29
C ALA A 15 -1.76 -4.56 -7.07
N ILE A 16 -0.95 -5.36 -6.38
CA ILE A 16 -0.29 -6.49 -7.01
C ILE A 16 -1.22 -7.70 -7.04
N ALA A 17 -1.81 -8.01 -5.90
CA ALA A 17 -2.72 -9.13 -5.79
C ALA A 17 -3.88 -8.99 -6.77
N PHE A 18 -4.25 -7.74 -7.04
CA PHE A 18 -5.35 -7.47 -7.97
C PHE A 18 -4.83 -7.38 -9.40
N SER A 19 -3.76 -6.63 -9.60
CA SER A 19 -3.18 -6.46 -10.92
C SER A 19 -2.93 -7.82 -11.57
N LEU A 20 -2.52 -8.80 -10.76
CA LEU A 20 -2.25 -10.13 -11.27
C LEU A 20 -3.52 -10.99 -11.18
N GLY A 21 -4.41 -10.63 -10.26
CA GLY A 21 -5.65 -11.37 -10.09
C GLY A 21 -6.75 -10.77 -10.95
N TYR A 22 -6.41 -9.75 -11.72
CA TYR A 22 -7.38 -9.09 -12.58
C TYR A 22 -7.45 -9.77 -13.95
N LEU A 23 -6.28 -10.04 -14.53
CA LEU A 23 -6.22 -10.69 -15.83
C LEU A 23 -6.95 -12.03 -15.81
N LEU A 24 -6.31 -13.04 -15.23
CA LEU A 24 -6.91 -14.36 -15.16
C LEU A 24 -8.37 -14.28 -14.69
N ASP A 25 -8.76 -13.11 -14.18
CA ASP A 25 -10.11 -12.92 -13.70
C ASP A 25 -10.97 -12.25 -14.77
N LYS A 26 -10.34 -11.41 -15.59
CA LYS A 26 -11.06 -10.71 -16.66
C LYS A 26 -11.07 -11.55 -17.93
N LYS A 27 -10.08 -12.41 -18.07
CA LYS A 27 -10.00 -13.28 -19.25
C LYS A 27 -11.14 -14.29 -19.26
N LYS A 2 13.87 -4.47 -5.02
CA LYS A 2 12.60 -5.10 -4.69
C LYS A 2 12.15 -4.68 -3.29
N ASP A 3 13.11 -4.56 -2.37
CA ASP A 3 12.80 -4.15 -1.01
C ASP A 3 12.67 -2.64 -0.90
N GLN A 4 13.28 -1.94 -1.86
CA GLN A 4 13.22 -0.47 -1.87
C GLN A 4 12.03 0.01 -2.66
N PHE A 5 11.41 -0.89 -3.43
CA PHE A 5 10.26 -0.53 -4.24
C PHE A 5 8.97 -0.76 -3.44
N ILE A 6 9.03 -1.64 -2.46
CA ILE A 6 7.87 -1.95 -1.63
C ILE A 6 7.58 -0.80 -0.67
N ILE A 7 8.56 -0.48 0.17
CA ILE A 7 8.40 0.61 1.14
C ILE A 7 8.00 1.90 0.43
N ALA A 8 8.14 1.91 -0.89
CA ALA A 8 7.79 3.09 -1.68
C ALA A 8 6.30 3.06 -2.05
N TYR A 9 5.74 1.86 -2.12
CA TYR A 9 4.33 1.70 -2.47
C TYR A 9 3.71 0.54 -1.69
N GLY A 10 4.15 -0.67 -2.03
CA GLY A 10 3.63 -1.87 -1.37
C GLY A 10 3.48 -1.63 0.14
N GLY A 11 4.30 -0.74 0.67
CA GLY A 11 4.25 -0.43 2.09
C GLY A 11 3.51 0.89 2.35
N LEU A 12 3.91 1.93 1.62
CA LEU A 12 3.28 3.24 1.78
C LEU A 12 1.95 3.27 1.02
N ARG A 13 2.03 3.37 -0.30
CA ARG A 13 0.83 3.42 -1.13
C ARG A 13 0.14 4.77 -0.99
N GLY A 14 0.17 5.33 0.21
CA GLY A 14 -0.46 6.62 0.45
C GLY A 14 -1.90 6.45 0.94
N ALA A 15 -2.38 5.20 0.90
CA ALA A 15 -3.74 4.90 1.33
C ALA A 15 -3.72 3.82 2.41
N ILE A 16 -2.65 3.05 2.45
CA ILE A 16 -2.53 1.99 3.44
C ILE A 16 -1.86 2.51 4.70
N ALA A 17 -0.93 3.46 4.54
CA ALA A 17 -0.24 4.03 5.68
C ALA A 17 -1.10 5.08 6.37
N PHE A 18 -2.00 5.69 5.60
CA PHE A 18 -2.88 6.71 6.15
C PHE A 18 -4.05 6.06 6.90
N SER A 19 -4.71 5.11 6.24
CA SER A 19 -5.84 4.43 6.86
C SER A 19 -5.41 3.74 8.15
N LEU A 20 -4.10 3.62 8.34
CA LEU A 20 -3.58 2.97 9.54
C LEU A 20 -3.37 4.00 10.65
N GLY A 21 -2.78 5.15 10.29
CA GLY A 21 -2.54 6.20 11.27
C GLY A 21 -3.77 7.08 11.45
N TYR A 22 -4.83 6.74 10.73
CA TYR A 22 -6.07 7.51 10.81
C TYR A 22 -6.98 6.95 11.89
N LEU A 23 -6.97 5.64 12.04
CA LEU A 23 -7.81 4.97 13.04
C LEU A 23 -7.38 5.38 14.45
N LEU A 24 -6.29 4.77 14.93
CA LEU A 24 -5.79 5.07 16.27
C LEU A 24 -5.81 6.58 16.52
N ASP A 25 -5.87 7.35 15.44
CA ASP A 25 -5.90 8.80 15.57
C ASP A 25 -7.29 9.28 15.96
N LYS A 26 -8.31 8.67 15.37
CA LYS A 26 -9.69 9.03 15.67
C LYS A 26 -10.34 7.99 16.57
N LYS A 27 -10.17 6.72 16.23
CA LYS A 27 -10.74 5.64 17.03
C LYS A 27 -9.97 5.48 18.34
N LYS A 2 14.49 -4.53 -4.93
CA LYS A 2 13.09 -4.91 -4.75
C LYS A 2 12.56 -4.40 -3.42
N ASP A 3 13.09 -4.93 -2.33
CA ASP A 3 12.66 -4.52 -1.00
C ASP A 3 12.60 -2.99 -0.89
N GLN A 4 13.17 -2.32 -1.88
CA GLN A 4 13.19 -0.85 -1.88
C GLN A 4 11.94 -0.30 -2.58
N PHE A 5 11.44 -1.05 -3.56
CA PHE A 5 10.25 -0.63 -4.30
C PHE A 5 9.01 -0.83 -3.44
N ILE A 6 9.13 -1.67 -2.43
CA ILE A 6 8.02 -1.95 -1.54
C ILE A 6 7.67 -0.73 -0.71
N ILE A 7 8.59 -0.32 0.16
CA ILE A 7 8.38 0.85 0.99
C ILE A 7 7.81 2.00 0.16
N ALA A 8 8.15 2.00 -1.13
CA ALA A 8 7.67 3.04 -2.03
C ALA A 8 6.15 3.02 -2.10
N TYR A 9 5.58 1.82 -2.11
CA TYR A 9 4.13 1.68 -2.17
C TYR A 9 3.58 1.31 -0.79
N GLY A 10 4.46 0.88 0.09
CA GLY A 10 4.07 0.50 1.45
C GLY A 10 3.47 -0.89 1.47
N GLY A 11 4.30 -1.90 1.22
CA GLY A 11 3.84 -3.29 1.22
C GLY A 11 2.48 -3.41 0.54
N LEU A 12 2.15 -2.42 -0.29
CA LEU A 12 0.87 -2.43 -0.99
C LEU A 12 1.04 -3.02 -2.39
N ARG A 13 1.81 -2.34 -3.22
CA ARG A 13 2.05 -2.80 -4.59
C ARG A 13 0.79 -2.67 -5.43
N GLY A 14 -0.36 -2.95 -4.83
CA GLY A 14 -1.63 -2.86 -5.54
C GLY A 14 -1.91 -4.14 -6.31
N ALA A 15 -0.89 -4.99 -6.44
CA ALA A 15 -1.03 -6.25 -7.15
C ALA A 15 -0.87 -7.43 -6.19
N ILE A 16 -0.14 -7.20 -5.11
CA ILE A 16 0.08 -8.24 -4.11
C ILE A 16 -1.01 -8.21 -3.05
N ALA A 17 -1.50 -7.01 -2.75
CA ALA A 17 -2.55 -6.86 -1.73
C ALA A 17 -3.90 -7.20 -2.33
N PHE A 18 -4.05 -7.03 -3.63
CA PHE A 18 -5.30 -7.32 -4.31
C PHE A 18 -5.43 -8.81 -4.58
N SER A 19 -4.40 -9.39 -5.19
CA SER A 19 -4.41 -10.83 -5.48
C SER A 19 -4.66 -11.64 -4.21
N LEU A 20 -4.42 -11.02 -3.07
CA LEU A 20 -4.62 -11.70 -1.79
C LEU A 20 -6.07 -11.55 -1.33
N GLY A 21 -6.56 -10.32 -1.32
CA GLY A 21 -7.93 -10.04 -0.89
C GLY A 21 -8.92 -10.41 -1.99
N TYR A 22 -8.40 -10.91 -3.10
CA TYR A 22 -9.25 -11.30 -4.22
C TYR A 22 -9.68 -12.76 -4.10
N LEU A 23 -8.76 -13.60 -3.63
CA LEU A 23 -9.05 -15.01 -3.47
C LEU A 23 -10.13 -15.23 -2.41
N LEU A 24 -9.73 -15.11 -1.15
CA LEU A 24 -10.68 -15.29 -0.05
C LEU A 24 -11.97 -14.51 -0.30
N ASP A 25 -11.90 -13.58 -1.23
CA ASP A 25 -13.07 -12.77 -1.58
C ASP A 25 -14.00 -13.54 -2.50
N LYS A 26 -13.41 -14.28 -3.43
CA LYS A 26 -14.20 -15.07 -4.38
C LYS A 26 -14.21 -16.54 -3.98
N LYS A 27 -13.03 -17.08 -3.68
CA LYS A 27 -12.93 -18.48 -3.29
C LYS A 27 -13.18 -18.64 -1.79
N LYS A 2 13.86 -4.81 -4.80
CA LYS A 2 12.43 -4.96 -4.55
C LYS A 2 12.05 -4.34 -3.20
N ASP A 3 12.95 -4.50 -2.22
CA ASP A 3 12.70 -3.95 -0.89
C ASP A 3 12.48 -2.44 -0.96
N GLN A 4 13.32 -1.76 -1.74
CA GLN A 4 13.21 -0.31 -1.87
C GLN A 4 11.99 0.04 -2.73
N PHE A 5 11.44 -0.95 -3.42
CA PHE A 5 10.28 -0.73 -4.27
C PHE A 5 8.99 -0.90 -3.48
N ILE A 6 9.02 -1.81 -2.52
CA ILE A 6 7.84 -2.07 -1.69
C ILE A 6 7.63 -0.93 -0.70
N ILE A 7 8.64 -0.65 0.10
CA ILE A 7 8.55 0.43 1.08
C ILE A 7 8.18 1.75 0.41
N ALA A 8 8.20 1.74 -0.92
CA ALA A 8 7.86 2.95 -1.69
C ALA A 8 6.37 2.99 -1.98
N TYR A 9 5.78 1.82 -2.20
CA TYR A 9 4.35 1.73 -2.50
C TYR A 9 3.71 0.59 -1.73
N GLY A 10 4.10 -0.64 -2.06
CA GLY A 10 3.55 -1.81 -1.40
C GLY A 10 3.43 -1.59 0.10
N GLY A 11 4.29 -0.72 0.63
CA GLY A 11 4.28 -0.41 2.06
C GLY A 11 3.66 0.95 2.32
N LEU A 12 3.76 1.84 1.32
CA LEU A 12 3.21 3.18 1.45
C LEU A 12 1.82 3.25 0.83
N ARG A 13 1.74 2.92 -0.45
CA ARG A 13 0.46 2.94 -1.17
C ARG A 13 0.04 4.38 -1.44
N GLY A 14 0.32 5.26 -0.50
CA GLY A 14 -0.04 6.68 -0.64
C GLY A 14 -1.52 6.89 -0.33
N ALA A 15 -2.30 5.82 -0.37
CA ALA A 15 -3.73 5.91 -0.09
C ALA A 15 -4.02 5.40 1.32
N ILE A 16 -3.11 4.61 1.86
CA ILE A 16 -3.28 4.05 3.20
C ILE A 16 -2.65 4.98 4.23
N ALA A 17 -1.47 5.50 3.91
CA ALA A 17 -0.77 6.39 4.82
C ALA A 17 -1.62 7.63 5.11
N PHE A 18 -2.39 8.06 4.13
CA PHE A 18 -3.26 9.22 4.28
C PHE A 18 -4.48 8.87 5.12
N SER A 19 -5.14 7.77 4.76
CA SER A 19 -6.33 7.35 5.47
C SER A 19 -6.03 7.15 6.96
N LEU A 20 -4.74 7.10 7.29
CA LEU A 20 -4.32 6.92 8.67
C LEU A 20 -4.17 8.26 9.37
N GLY A 21 -3.48 9.18 8.71
CA GLY A 21 -3.27 10.52 9.27
C GLY A 21 -4.47 11.42 9.02
N TYR A 22 -5.49 10.86 8.37
CA TYR A 22 -6.69 11.64 8.06
C TYR A 22 -7.72 11.49 9.18
N LEU A 23 -7.78 10.31 9.78
CA LEU A 23 -8.73 10.06 10.86
C LEU A 23 -8.41 10.93 12.07
N LEU A 24 -7.38 10.52 12.82
CA LEU A 24 -6.98 11.26 14.01
C LEU A 24 -6.97 12.76 13.72
N ASP A 25 -6.92 13.12 12.45
CA ASP A 25 -6.91 14.52 12.05
C ASP A 25 -8.32 15.10 12.11
N LYS A 26 -9.30 14.31 11.67
CA LYS A 26 -10.70 14.76 11.68
C LYS A 26 -11.46 14.10 12.82
N LYS A 27 -11.30 12.78 12.94
CA LYS A 27 -11.99 12.04 13.99
C LYS A 27 -11.13 11.99 15.26
N LYS A 2 14.14 -4.62 -4.88
CA LYS A 2 12.78 -5.05 -4.59
C LYS A 2 12.29 -4.41 -3.29
N ASP A 3 12.86 -4.84 -2.18
CA ASP A 3 12.47 -4.31 -0.88
C ASP A 3 12.58 -2.79 -0.86
N GLN A 4 13.17 -2.23 -1.92
CA GLN A 4 13.33 -0.79 -2.02
C GLN A 4 12.13 -0.16 -2.72
N PHE A 5 11.40 -0.97 -3.47
CA PHE A 5 10.22 -0.49 -4.18
C PHE A 5 8.97 -0.65 -3.33
N ILE A 6 8.93 -1.72 -2.54
CA ILE A 6 7.79 -1.98 -1.68
C ILE A 6 7.56 -0.82 -0.71
N ILE A 7 8.62 -0.43 -0.03
CA ILE A 7 8.54 0.68 0.93
C ILE A 7 8.04 1.95 0.24
N ALA A 8 8.10 1.95 -1.09
CA ALA A 8 7.65 3.11 -1.85
C ALA A 8 6.14 3.07 -2.06
N TYR A 9 5.60 1.86 -2.16
CA TYR A 9 4.16 1.69 -2.37
C TYR A 9 3.63 0.53 -1.54
N GLY A 10 4.01 -0.68 -1.91
CA GLY A 10 3.57 -1.87 -1.19
C GLY A 10 3.61 -1.63 0.31
N GLY A 11 4.40 -0.66 0.74
CA GLY A 11 4.52 -0.34 2.16
C GLY A 11 3.60 0.82 2.54
N LEU A 12 3.46 1.77 1.62
CA LEU A 12 2.62 2.94 1.88
C LEU A 12 1.15 2.57 1.69
N ARG A 13 0.78 2.25 0.45
CA ARG A 13 -0.60 1.89 0.14
C ARG A 13 -1.17 0.99 1.23
N GLY A 14 -0.28 0.33 1.97
CA GLY A 14 -0.70 -0.56 3.04
C GLY A 14 -1.74 0.11 3.93
N ALA A 15 -1.88 1.42 3.77
CA ALA A 15 -2.85 2.18 4.57
C ALA A 15 -4.17 2.33 3.82
N ILE A 16 -4.12 3.06 2.71
CA ILE A 16 -5.32 3.27 1.90
C ILE A 16 -6.01 1.93 1.62
N ALA A 17 -5.22 0.90 1.39
CA ALA A 17 -5.77 -0.42 1.12
C ALA A 17 -6.66 -0.88 2.27
N PHE A 18 -6.34 -0.42 3.49
CA PHE A 18 -7.11 -0.80 4.66
C PHE A 18 -8.36 0.07 4.78
N SER A 19 -8.17 1.39 4.63
CA SER A 19 -9.28 2.32 4.72
C SER A 19 -10.43 1.88 3.82
N LEU A 20 -10.09 1.36 2.65
CA LEU A 20 -11.10 0.91 1.70
C LEU A 20 -11.74 -0.39 2.18
N GLY A 21 -10.92 -1.43 2.34
CA GLY A 21 -11.41 -2.72 2.79
C GLY A 21 -12.01 -2.61 4.19
N TYR A 22 -12.00 -1.40 4.74
CA TYR A 22 -12.54 -1.18 6.08
C TYR A 22 -14.01 -0.79 6.01
N LEU A 23 -14.35 0.04 5.03
CA LEU A 23 -15.73 0.49 4.87
C LEU A 23 -16.60 -0.63 4.29
N LEU A 24 -16.38 -0.95 3.02
CA LEU A 24 -17.17 -1.99 2.37
C LEU A 24 -17.22 -3.25 3.23
N ASP A 25 -16.38 -3.29 4.26
CA ASP A 25 -16.34 -4.45 5.16
C ASP A 25 -17.07 -4.14 6.46
N LYS A 26 -16.80 -2.96 7.02
CA LYS A 26 -17.44 -2.56 8.28
C LYS A 26 -18.57 -1.57 8.01
N LYS A 27 -19.05 -1.55 6.77
CA LYS A 27 -20.13 -0.63 6.40
C LYS A 27 -21.03 -1.27 5.35
N LYS A 2 14.17 -4.75 -4.95
CA LYS A 2 12.72 -4.90 -4.80
C LYS A 2 12.27 -4.36 -3.45
N ASP A 3 12.96 -4.77 -2.39
CA ASP A 3 12.60 -4.33 -1.05
C ASP A 3 12.61 -2.80 -0.96
N GLN A 4 13.16 -2.16 -1.99
CA GLN A 4 13.22 -0.71 -2.02
C GLN A 4 11.98 -0.14 -2.71
N PHE A 5 11.26 -0.99 -3.43
CA PHE A 5 10.05 -0.57 -4.12
C PHE A 5 8.82 -0.73 -3.23
N ILE A 6 8.91 -1.66 -2.29
CA ILE A 6 7.81 -1.92 -1.36
C ILE A 6 7.56 -0.69 -0.49
N ILE A 7 8.53 -0.35 0.35
CA ILE A 7 8.39 0.80 1.22
C ILE A 7 7.93 2.02 0.43
N ALA A 8 8.22 2.03 -0.86
CA ALA A 8 7.82 3.13 -1.72
C ALA A 8 6.35 2.99 -2.12
N TYR A 9 5.91 1.74 -2.26
CA TYR A 9 4.52 1.47 -2.65
C TYR A 9 3.90 0.42 -1.74
N GLY A 10 4.43 -0.80 -1.82
CA GLY A 10 3.92 -1.89 -1.00
C GLY A 10 3.72 -1.45 0.44
N GLY A 11 4.30 -0.30 0.79
CA GLY A 11 4.19 0.22 2.15
C GLY A 11 2.74 0.61 2.45
N LEU A 12 2.03 1.07 1.44
CA LEU A 12 0.63 1.49 1.61
C LEU A 12 -0.28 0.26 1.67
N ARG A 13 0.17 -0.83 1.08
CA ARG A 13 -0.61 -2.06 1.07
C ARG A 13 -0.86 -2.56 2.49
N GLY A 14 -0.32 -1.83 3.46
CA GLY A 14 -0.47 -2.20 4.87
C GLY A 14 -1.94 -2.32 5.24
N ALA A 15 -2.82 -1.89 4.33
CA ALA A 15 -4.25 -1.95 4.58
C ALA A 15 -4.87 -3.12 3.83
N ILE A 16 -4.11 -3.70 2.91
CA ILE A 16 -4.60 -4.84 2.13
C ILE A 16 -4.28 -6.15 2.84
N ALA A 17 -3.15 -6.18 3.53
CA ALA A 17 -2.74 -7.38 4.25
C ALA A 17 -3.54 -7.55 5.53
N PHE A 18 -4.01 -6.42 6.07
CA PHE A 18 -4.80 -6.46 7.30
C PHE A 18 -6.24 -6.81 7.00
N SER A 19 -6.83 -6.14 6.01
CA SER A 19 -8.21 -6.40 5.63
C SER A 19 -8.42 -7.88 5.32
N LEU A 20 -7.39 -8.49 4.74
CA LEU A 20 -7.47 -9.91 4.39
C LEU A 20 -7.28 -10.78 5.64
N GLY A 21 -6.28 -10.42 6.44
CA GLY A 21 -6.00 -11.18 7.66
C GLY A 21 -6.96 -10.79 8.78
N TYR A 22 -7.88 -9.88 8.48
CA TYR A 22 -8.86 -9.43 9.46
C TYR A 22 -10.10 -10.30 9.42
N LEU A 23 -10.50 -10.70 8.22
CA LEU A 23 -11.67 -11.55 8.05
C LEU A 23 -11.46 -12.91 8.69
N LEU A 24 -10.70 -13.77 8.02
CA LEU A 24 -10.43 -15.10 8.53
C LEU A 24 -10.03 -15.03 10.00
N ASP A 25 -9.66 -13.84 10.46
CA ASP A 25 -9.26 -13.67 11.85
C ASP A 25 -10.48 -13.56 12.75
N LYS A 26 -11.51 -12.89 12.25
CA LYS A 26 -12.74 -12.72 13.02
C LYS A 26 -13.83 -13.67 12.52
N LYS A 27 -14.15 -13.57 11.23
CA LYS A 27 -15.17 -14.41 10.64
C LYS A 27 -14.57 -15.75 10.21
N LYS A 2 13.89 -4.80 -4.62
CA LYS A 2 12.47 -4.97 -4.35
C LYS A 2 12.09 -4.32 -3.01
N ASP A 3 12.99 -4.41 -2.05
CA ASP A 3 12.74 -3.84 -0.73
C ASP A 3 12.58 -2.33 -0.82
N GLN A 4 13.20 -1.74 -1.84
CA GLN A 4 13.12 -0.30 -2.03
C GLN A 4 11.92 0.06 -2.91
N PHE A 5 11.37 -0.95 -3.56
CA PHE A 5 10.21 -0.73 -4.44
C PHE A 5 8.91 -0.88 -3.66
N ILE A 6 8.88 -1.86 -2.75
CA ILE A 6 7.69 -2.10 -1.95
C ILE A 6 7.54 -1.01 -0.88
N ILE A 7 8.58 -0.82 -0.08
CA ILE A 7 8.55 0.18 0.97
C ILE A 7 8.22 1.56 0.39
N ALA A 8 8.22 1.65 -0.93
CA ALA A 8 7.92 2.90 -1.60
C ALA A 8 6.42 3.02 -1.88
N TYR A 9 5.78 1.88 -2.10
CA TYR A 9 4.35 1.87 -2.38
C TYR A 9 3.67 0.71 -1.66
N GLY A 10 3.91 -0.51 -2.15
CA GLY A 10 3.32 -1.69 -1.54
C GLY A 10 3.36 -1.61 -0.02
N GLY A 11 4.32 -0.84 0.50
CA GLY A 11 4.45 -0.68 1.94
C GLY A 11 3.88 0.65 2.40
N LEU A 12 4.21 1.72 1.68
CA LEU A 12 3.72 3.05 2.01
C LEU A 12 2.27 3.21 1.55
N ARG A 13 2.09 3.39 0.25
CA ARG A 13 0.75 3.55 -0.31
C ARG A 13 0.20 4.94 0.03
N GLY A 14 0.49 5.41 1.24
CA GLY A 14 0.02 6.72 1.67
C GLY A 14 -1.35 6.61 2.33
N ALA A 15 -1.92 5.41 2.29
CA ALA A 15 -3.24 5.19 2.89
C ALA A 15 -3.18 4.02 3.87
N ILE A 16 -2.19 3.16 3.69
CA ILE A 16 -2.04 2.00 4.57
C ILE A 16 -1.11 2.34 5.74
N ALA A 17 0.06 2.87 5.43
CA ALA A 17 1.03 3.23 6.45
C ALA A 17 0.34 4.00 7.58
N PHE A 18 -0.58 4.88 7.23
CA PHE A 18 -1.29 5.67 8.22
C PHE A 18 -2.26 4.78 9.02
N SER A 19 -2.84 3.80 8.33
CA SER A 19 -3.77 2.88 8.98
C SER A 19 -3.03 1.92 9.91
N LEU A 20 -1.70 1.97 9.85
CA LEU A 20 -0.88 1.11 10.68
C LEU A 20 -0.56 1.78 12.02
N GLY A 21 0.00 2.98 11.94
CA GLY A 21 0.35 3.72 13.14
C GLY A 21 -0.88 4.39 13.75
N TYR A 22 -1.92 4.56 12.94
CA TYR A 22 -3.15 5.18 13.42
C TYR A 22 -3.60 4.56 14.73
N LEU A 23 -3.27 3.28 14.91
CA LEU A 23 -3.65 2.59 16.14
C LEU A 23 -2.75 3.00 17.29
N LEU A 24 -1.48 2.59 17.23
CA LEU A 24 -0.53 2.92 18.29
C LEU A 24 -0.39 4.43 18.43
N ASP A 25 -1.02 5.17 17.52
CA ASP A 25 -0.94 6.63 17.55
C ASP A 25 -2.16 7.20 18.27
N LYS A 26 -3.31 6.53 18.11
CA LYS A 26 -4.54 6.98 18.75
C LYS A 26 -4.88 6.09 19.94
N LYS A 27 -4.86 4.78 19.72
CA LYS A 27 -5.17 3.83 20.78
C LYS A 27 -4.03 3.76 21.79
N LYS A 2 14.80 -4.70 -4.44
CA LYS A 2 13.36 -4.96 -4.47
C LYS A 2 12.67 -4.36 -3.24
N ASP A 3 13.29 -4.55 -2.09
CA ASP A 3 12.74 -4.02 -0.84
C ASP A 3 12.55 -2.52 -0.93
N GLN A 4 13.17 -1.91 -1.94
CA GLN A 4 13.07 -0.47 -2.12
C GLN A 4 11.84 -0.12 -2.98
N PHE A 5 11.21 -1.15 -3.54
CA PHE A 5 10.03 -0.94 -4.37
C PHE A 5 8.76 -1.00 -3.51
N ILE A 6 8.68 -2.02 -2.67
CA ILE A 6 7.51 -2.18 -1.80
C ILE A 6 7.41 -1.02 -0.81
N ILE A 7 8.47 -0.83 -0.03
CA ILE A 7 8.48 0.25 0.96
C ILE A 7 8.00 1.55 0.33
N ALA A 8 8.25 1.70 -0.97
CA ALA A 8 7.82 2.90 -1.68
C ALA A 8 6.31 2.91 -1.87
N TYR A 9 5.74 1.73 -2.05
CA TYR A 9 4.29 1.60 -2.24
C TYR A 9 3.57 1.76 -0.90
N GLY A 10 3.96 0.93 0.07
CA GLY A 10 3.33 0.98 1.39
C GLY A 10 3.02 -0.42 1.89
N GLY A 11 3.89 -1.38 1.58
CA GLY A 11 3.69 -2.75 2.02
C GLY A 11 2.23 -3.16 1.88
N LEU A 12 1.53 -2.55 0.93
CA LEU A 12 0.12 -2.85 0.71
C LEU A 12 -0.02 -4.15 -0.09
N ARG A 13 1.00 -4.47 -0.87
CA ARG A 13 0.96 -5.68 -1.68
C ARG A 13 0.48 -6.86 -0.86
N GLY A 14 0.51 -6.70 0.46
CA GLY A 14 0.07 -7.77 1.35
C GLY A 14 -1.20 -8.43 0.83
N ALA A 15 -2.02 -7.65 0.14
CA ALA A 15 -3.26 -8.18 -0.42
C ALA A 15 -2.97 -9.22 -1.50
N ILE A 16 -2.37 -8.78 -2.59
CA ILE A 16 -2.03 -9.69 -3.68
C ILE A 16 -1.17 -10.83 -3.17
N ALA A 17 -0.13 -10.50 -2.42
CA ALA A 17 0.76 -11.50 -1.87
C ALA A 17 -0.04 -12.66 -1.26
N PHE A 18 -1.18 -12.33 -0.67
CA PHE A 18 -2.02 -13.35 -0.06
C PHE A 18 -3.03 -13.90 -1.07
N SER A 19 -3.37 -13.08 -2.06
CA SER A 19 -4.31 -13.49 -3.08
C SER A 19 -3.74 -14.63 -3.92
N LEU A 20 -2.44 -14.59 -4.15
CA LEU A 20 -1.78 -15.62 -4.95
C LEU A 20 -1.31 -16.77 -4.05
N GLY A 21 -1.10 -16.46 -2.77
CA GLY A 21 -0.65 -17.48 -1.82
C GLY A 21 -1.84 -18.15 -1.15
N TYR A 22 -3.04 -17.76 -1.54
CA TYR A 22 -4.25 -18.34 -0.97
C TYR A 22 -4.70 -19.55 -1.76
N LEU A 23 -4.58 -19.47 -3.09
CA LEU A 23 -4.99 -20.56 -3.96
C LEU A 23 -4.19 -21.83 -3.64
N LEU A 24 -2.91 -21.81 -3.97
CA LEU A 24 -2.05 -22.96 -3.72
C LEU A 24 -2.21 -23.45 -2.30
N ASP A 25 -2.68 -22.57 -1.42
CA ASP A 25 -2.89 -22.92 -0.03
C ASP A 25 -4.16 -23.75 0.13
N LYS A 26 -5.19 -23.40 -0.64
CA LYS A 26 -6.46 -24.12 -0.58
C LYS A 26 -6.70 -24.88 -1.87
N LYS A 27 -6.97 -24.15 -2.96
CA LYS A 27 -7.21 -24.77 -4.25
C LYS A 27 -5.92 -25.32 -4.84
N LYS A 2 14.45 -4.22 -4.98
CA LYS A 2 13.20 -4.95 -4.83
C LYS A 2 12.53 -4.57 -3.51
N ASP A 3 13.23 -4.76 -2.41
CA ASP A 3 12.70 -4.45 -1.09
C ASP A 3 12.55 -2.93 -0.93
N GLN A 4 13.16 -2.18 -1.83
CA GLN A 4 13.09 -0.72 -1.78
C GLN A 4 11.90 -0.22 -2.58
N PHE A 5 11.31 -1.11 -3.37
CA PHE A 5 10.15 -0.74 -4.19
C PHE A 5 8.86 -0.89 -3.39
N ILE A 6 8.92 -1.66 -2.31
CA ILE A 6 7.75 -1.88 -1.47
C ILE A 6 7.51 -0.67 -0.57
N ILE A 7 8.52 -0.32 0.23
CA ILE A 7 8.40 0.81 1.14
C ILE A 7 8.01 2.07 0.36
N ALA A 8 8.10 2.00 -0.96
CA ALA A 8 7.76 3.14 -1.80
C ALA A 8 6.27 3.14 -2.14
N TYR A 9 5.65 1.96 -2.04
CA TYR A 9 4.24 1.82 -2.34
C TYR A 9 3.62 0.70 -1.53
N GLY A 10 4.05 -0.53 -1.79
CA GLY A 10 3.53 -1.69 -1.07
C GLY A 10 3.50 -1.42 0.43
N GLY A 11 4.33 -0.49 0.89
CA GLY A 11 4.38 -0.15 2.30
C GLY A 11 3.55 1.10 2.59
N LEU A 12 3.52 2.02 1.63
CA LEU A 12 2.76 3.26 1.80
C LEU A 12 1.30 3.03 1.43
N ARG A 13 1.03 2.90 0.13
CA ARG A 13 -0.32 2.68 -0.34
C ARG A 13 -1.12 3.98 -0.29
N GLY A 14 -0.81 4.82 0.70
CA GLY A 14 -1.49 6.09 0.85
C GLY A 14 -2.76 5.93 1.69
N ALA A 15 -2.92 4.75 2.28
CA ALA A 15 -4.08 4.46 3.11
C ALA A 15 -3.70 3.58 4.29
N ILE A 16 -2.80 2.64 4.05
CA ILE A 16 -2.35 1.74 5.10
C ILE A 16 -1.43 2.46 6.06
N ALA A 17 -0.64 3.39 5.54
CA ALA A 17 0.29 4.15 6.37
C ALA A 17 -0.47 5.12 7.27
N PHE A 18 -1.65 5.53 6.84
CA PHE A 18 -2.47 6.44 7.62
C PHE A 18 -3.39 5.67 8.57
N SER A 19 -4.05 4.64 8.03
CA SER A 19 -4.96 3.83 8.84
C SER A 19 -4.22 3.23 10.04
N LEU A 20 -2.88 3.25 9.97
CA LEU A 20 -2.08 2.70 11.06
C LEU A 20 -1.81 3.77 12.11
N GLY A 21 -1.33 4.91 11.68
CA GLY A 21 -1.04 6.01 12.60
C GLY A 21 -2.31 6.73 13.03
N TYR A 22 -3.45 6.25 12.51
CA TYR A 22 -4.73 6.85 12.85
C TYR A 22 -5.34 6.20 14.08
N LEU A 23 -5.16 4.87 14.18
CA LEU A 23 -5.70 4.13 15.30
C LEU A 23 -5.02 4.55 16.60
N LEU A 24 -3.78 4.08 16.80
CA LEU A 24 -3.04 4.41 18.00
C LEU A 24 -3.10 5.91 18.28
N ASP A 25 -3.50 6.68 17.27
CA ASP A 25 -3.62 8.12 17.42
C ASP A 25 -4.93 8.49 18.11
N LYS A 26 -5.98 7.78 17.76
CA LYS A 26 -7.30 8.04 18.35
C LYS A 26 -7.63 6.98 19.40
N LYS A 27 -7.58 5.72 19.00
CA LYS A 27 -7.87 4.63 19.93
C LYS A 27 -7.25 4.89 21.29
N LYS A 2 14.34 -4.48 -4.71
CA LYS A 2 13.16 -5.23 -4.30
C LYS A 2 12.45 -4.54 -3.15
N ASP A 3 13.09 -4.53 -1.99
CA ASP A 3 12.51 -3.89 -0.81
C ASP A 3 12.39 -2.38 -1.02
N GLN A 4 13.30 -1.83 -1.82
CA GLN A 4 13.30 -0.40 -2.09
C GLN A 4 12.04 -0.01 -2.89
N PHE A 5 11.41 -1.00 -3.51
CA PHE A 5 10.21 -0.75 -4.29
C PHE A 5 8.96 -0.90 -3.41
N ILE A 6 8.89 -2.00 -2.68
CA ILE A 6 7.75 -2.25 -1.81
C ILE A 6 7.53 -1.07 -0.86
N ILE A 7 8.52 -0.81 -0.01
CA ILE A 7 8.43 0.29 0.94
C ILE A 7 8.01 1.57 0.23
N ALA A 8 8.24 1.62 -1.08
CA ALA A 8 7.87 2.80 -1.86
C ALA A 8 6.36 2.94 -1.94
N TYR A 9 5.67 1.81 -2.10
CA TYR A 9 4.21 1.82 -2.19
C TYR A 9 3.60 1.55 -0.82
N GLY A 10 4.43 1.14 0.13
CA GLY A 10 3.97 0.86 1.48
C GLY A 10 3.21 -0.47 1.52
N GLY A 11 3.86 -1.53 1.06
CA GLY A 11 3.23 -2.85 1.05
C GLY A 11 2.15 -2.93 -0.02
N LEU A 12 1.41 -1.84 -0.19
CA LEU A 12 0.34 -1.79 -1.18
C LEU A 12 0.78 -2.48 -2.47
N ARG A 13 1.79 -1.93 -3.11
CA ARG A 13 2.30 -2.50 -4.35
C ARG A 13 1.33 -2.23 -5.50
N GLY A 14 0.88 -0.98 -5.61
CA GLY A 14 -0.05 -0.59 -6.66
C GLY A 14 0.32 -1.26 -7.98
N ALA A 15 1.59 -1.58 -8.14
CA ALA A 15 2.06 -2.23 -9.37
C ALA A 15 1.14 -3.37 -9.75
N ILE A 16 0.49 -3.96 -8.76
CA ILE A 16 -0.42 -5.07 -9.00
C ILE A 16 -1.83 -4.55 -9.25
N ALA A 17 -2.31 -3.70 -8.35
CA ALA A 17 -3.65 -3.13 -8.49
C ALA A 17 -3.87 -2.61 -9.90
N PHE A 18 -2.79 -2.19 -10.54
CA PHE A 18 -2.88 -1.66 -11.90
C PHE A 18 -2.69 -2.77 -12.92
N SER A 19 -1.88 -3.76 -12.56
CA SER A 19 -1.61 -4.89 -13.45
C SER A 19 -2.90 -5.68 -13.72
N LEU A 20 -3.72 -5.82 -12.68
CA LEU A 20 -4.97 -6.57 -12.82
C LEU A 20 -6.09 -5.64 -13.29
N GLY A 21 -5.93 -4.35 -13.03
CA GLY A 21 -6.93 -3.36 -13.42
C GLY A 21 -6.64 -2.83 -14.82
N TYR A 22 -5.59 -3.35 -15.44
CA TYR A 22 -5.21 -2.91 -16.78
C TYR A 22 -5.87 -3.79 -17.84
N LEU A 23 -5.92 -5.09 -17.57
CA LEU A 23 -6.52 -6.04 -18.52
C LEU A 23 -7.98 -5.68 -18.78
N LEU A 24 -8.84 -6.03 -17.82
CA LEU A 24 -10.27 -5.75 -17.96
C LEU A 24 -10.49 -4.33 -18.49
N ASP A 25 -9.47 -3.49 -18.35
CA ASP A 25 -9.56 -2.12 -18.82
C ASP A 25 -9.44 -2.06 -20.33
N LYS A 26 -8.47 -2.77 -20.89
CA LYS A 26 -8.27 -2.80 -22.32
C LYS A 26 -9.07 -3.94 -22.95
N LYS A 27 -9.04 -5.10 -22.31
CA LYS A 27 -9.76 -6.26 -22.81
C LYS A 27 -11.14 -6.36 -22.15
N LYS A 2 14.19 -4.09 -5.10
CA LYS A 2 13.18 -5.11 -4.77
C LYS A 2 12.50 -4.77 -3.44
N ASP A 3 13.31 -4.63 -2.39
CA ASP A 3 12.77 -4.31 -1.08
C ASP A 3 12.57 -2.81 -0.93
N GLN A 4 13.16 -2.05 -1.83
CA GLN A 4 13.04 -0.59 -1.80
C GLN A 4 11.83 -0.13 -2.60
N PHE A 5 11.30 -1.04 -3.42
CA PHE A 5 10.13 -0.71 -4.23
C PHE A 5 8.84 -0.90 -3.44
N ILE A 6 8.95 -1.62 -2.33
CA ILE A 6 7.78 -1.88 -1.50
C ILE A 6 7.53 -0.70 -0.56
N ILE A 7 8.54 -0.35 0.23
CA ILE A 7 8.42 0.76 1.18
C ILE A 7 8.03 2.04 0.45
N ALA A 8 8.13 2.02 -0.88
CA ALA A 8 7.79 3.18 -1.69
C ALA A 8 6.30 3.15 -2.06
N TYR A 9 5.74 1.95 -2.17
CA TYR A 9 4.34 1.80 -2.52
C TYR A 9 3.70 0.68 -1.70
N GLY A 10 4.09 -0.55 -1.96
CA GLY A 10 3.55 -1.69 -1.24
C GLY A 10 3.43 -1.38 0.25
N GLY A 11 4.20 -0.41 0.71
CA GLY A 11 4.17 -0.03 2.12
C GLY A 11 3.30 1.20 2.33
N LEU A 12 3.54 2.23 1.51
CA LEU A 12 2.77 3.46 1.61
C LEU A 12 1.28 3.19 1.39
N ARG A 13 0.94 2.74 0.19
CA ARG A 13 -0.45 2.43 -0.15
C ARG A 13 -1.11 1.65 0.98
N GLY A 14 -0.30 1.11 1.88
CA GLY A 14 -0.82 0.34 3.00
C GLY A 14 -1.45 1.25 4.04
N ALA A 15 -2.01 2.37 3.59
CA ALA A 15 -2.64 3.33 4.49
C ALA A 15 -3.97 3.80 3.91
N ILE A 16 -3.91 4.43 2.75
CA ILE A 16 -5.12 4.93 2.10
C ILE A 16 -6.17 3.82 2.00
N ALA A 17 -5.70 2.60 1.77
CA ALA A 17 -6.61 1.46 1.66
C ALA A 17 -7.33 1.21 2.97
N PHE A 18 -6.69 1.59 4.07
CA PHE A 18 -7.28 1.41 5.40
C PHE A 18 -8.12 2.61 5.78
N SER A 19 -7.54 3.80 5.64
CA SER A 19 -8.26 5.03 5.99
C SER A 19 -9.61 5.07 5.28
N LEU A 20 -9.78 4.23 4.27
CA LEU A 20 -11.03 4.18 3.53
C LEU A 20 -12.01 3.23 4.20
N GLY A 21 -11.68 1.94 4.21
CA GLY A 21 -12.53 0.94 4.82
C GLY A 21 -12.64 1.15 6.33
N TYR A 22 -11.98 2.20 6.82
CA TYR A 22 -12.01 2.50 8.25
C TYR A 22 -13.15 3.46 8.58
N LEU A 23 -13.38 4.42 7.70
CA LEU A 23 -14.44 5.40 7.91
C LEU A 23 -15.81 4.71 7.93
N LEU A 24 -16.30 4.36 6.75
CA LEU A 24 -17.60 3.70 6.64
C LEU A 24 -17.73 2.59 7.68
N ASP A 25 -16.59 2.14 8.20
CA ASP A 25 -16.58 1.08 9.20
C ASP A 25 -16.98 1.64 10.57
N LYS A 26 -16.52 2.86 10.86
CA LYS A 26 -16.83 3.51 12.13
C LYS A 26 -17.90 4.56 11.93
N LYS A 27 -17.60 5.56 11.11
CA LYS A 27 -18.56 6.64 10.86
C LYS A 27 -19.40 6.32 9.63
N LYS A 2 13.77 -4.71 -4.90
CA LYS A 2 12.38 -4.88 -4.48
C LYS A 2 12.16 -4.23 -3.11
N ASP A 3 13.03 -4.53 -2.17
CA ASP A 3 12.92 -3.97 -0.83
C ASP A 3 12.85 -2.46 -0.88
N GLN A 4 13.36 -1.88 -1.96
CA GLN A 4 13.34 -0.43 -2.13
C GLN A 4 12.07 0.01 -2.83
N PHE A 5 11.43 -0.92 -3.54
CA PHE A 5 10.20 -0.61 -4.25
C PHE A 5 8.99 -0.87 -3.37
N ILE A 6 9.02 -1.97 -2.64
CA ILE A 6 7.92 -2.32 -1.76
C ILE A 6 7.59 -1.16 -0.82
N ILE A 7 8.53 -0.83 0.07
CA ILE A 7 8.33 0.26 1.01
C ILE A 7 7.86 1.52 0.28
N ALA A 8 8.22 1.63 -0.99
CA ALA A 8 7.83 2.78 -1.79
C ALA A 8 6.33 2.78 -2.04
N TYR A 9 5.75 1.58 -2.12
CA TYR A 9 4.33 1.43 -2.36
C TYR A 9 3.55 1.53 -1.05
N GLY A 10 3.92 0.69 -0.09
CA GLY A 10 3.26 0.69 1.21
C GLY A 10 2.95 -0.73 1.66
N GLY A 11 3.82 -1.66 1.29
CA GLY A 11 3.63 -3.06 1.67
C GLY A 11 2.22 -3.53 1.33
N LEU A 12 1.54 -2.77 0.48
CA LEU A 12 0.19 -3.11 0.07
C LEU A 12 0.21 -4.14 -1.06
N ARG A 13 1.32 -4.18 -1.80
CA ARG A 13 1.45 -5.11 -2.91
C ARG A 13 2.03 -6.43 -2.43
N GLY A 14 1.95 -6.66 -1.12
CA GLY A 14 2.46 -7.90 -0.54
C GLY A 14 1.31 -8.85 -0.20
N ALA A 15 0.12 -8.51 -0.66
CA ALA A 15 -1.06 -9.32 -0.42
C ALA A 15 -1.79 -9.64 -1.71
N ILE A 16 -1.46 -8.90 -2.77
CA ILE A 16 -2.09 -9.12 -4.06
C ILE A 16 -1.36 -10.21 -4.84
N ALA A 17 -0.06 -10.00 -5.06
CA ALA A 17 0.75 -10.96 -5.80
C ALA A 17 0.46 -12.38 -5.31
N PHE A 18 0.28 -12.53 -4.00
CA PHE A 18 0.01 -13.83 -3.41
C PHE A 18 -1.44 -14.25 -3.70
N SER A 19 -2.33 -13.27 -3.72
CA SER A 19 -3.74 -13.55 -3.98
C SER A 19 -3.94 -13.98 -5.43
N LEU A 20 -2.89 -13.82 -6.23
CA LEU A 20 -2.95 -14.19 -7.64
C LEU A 20 -2.66 -15.68 -7.81
N GLY A 21 -1.42 -16.07 -7.57
CA GLY A 21 -1.03 -17.46 -7.71
C GLY A 21 -1.78 -18.35 -6.72
N TYR A 22 -2.66 -17.74 -5.94
CA TYR A 22 -3.44 -18.48 -4.95
C TYR A 22 -4.75 -18.98 -5.56
N LEU A 23 -5.35 -18.16 -6.43
CA LEU A 23 -6.61 -18.53 -7.06
C LEU A 23 -6.43 -19.76 -7.94
N LEU A 24 -5.85 -19.55 -9.13
CA LEU A 24 -5.64 -20.65 -10.07
C LEU A 24 -5.10 -21.87 -9.34
N ASP A 25 -4.55 -21.65 -8.15
CA ASP A 25 -4.00 -22.74 -7.36
C ASP A 25 -5.09 -23.45 -6.58
N LYS A 26 -6.01 -22.67 -6.01
CA LYS A 26 -7.12 -23.22 -5.25
C LYS A 26 -8.43 -23.11 -6.02
N LYS A 27 -8.79 -21.88 -6.38
CA LYS A 27 -10.02 -21.64 -7.12
C LYS A 27 -10.14 -22.61 -8.29
N LYS A 2 13.13 -4.08 -5.30
CA LYS A 2 12.46 -5.17 -4.60
C LYS A 2 12.10 -4.75 -3.18
N ASP A 3 13.12 -4.58 -2.34
CA ASP A 3 12.89 -4.19 -0.95
C ASP A 3 12.75 -2.67 -0.84
N GLN A 4 13.38 -1.95 -1.77
CA GLN A 4 13.32 -0.50 -1.76
C GLN A 4 12.14 -0.01 -2.60
N PHE A 5 11.57 -0.91 -3.39
CA PHE A 5 10.43 -0.56 -4.24
C PHE A 5 9.13 -0.73 -3.47
N ILE A 6 9.11 -1.67 -2.53
CA ILE A 6 7.92 -1.92 -1.73
C ILE A 6 7.64 -0.74 -0.80
N ILE A 7 8.59 -0.46 0.09
CA ILE A 7 8.44 0.64 1.03
C ILE A 7 7.95 1.90 0.31
N ALA A 8 8.14 1.93 -1.00
CA ALA A 8 7.73 3.08 -1.80
C ALA A 8 6.21 3.05 -2.02
N TYR A 9 5.66 1.85 -2.15
CA TYR A 9 4.23 1.70 -2.37
C TYR A 9 3.69 0.50 -1.60
N GLY A 10 4.20 -0.69 -1.95
CA GLY A 10 3.77 -1.91 -1.28
C GLY A 10 3.78 -1.76 0.23
N GLY A 11 4.39 -0.67 0.70
CA GLY A 11 4.46 -0.40 2.13
C GLY A 11 3.91 0.98 2.46
N LEU A 12 4.10 1.92 1.54
CA LEU A 12 3.62 3.27 1.73
C LEU A 12 2.31 3.48 0.98
N ARG A 13 1.21 3.04 1.59
CA ARG A 13 -0.10 3.17 0.97
C ARG A 13 -0.86 4.36 1.57
N GLY A 14 -0.11 5.41 1.92
CA GLY A 14 -0.72 6.61 2.49
C GLY A 14 -1.59 6.25 3.69
N ALA A 15 -1.53 4.98 4.10
CA ALA A 15 -2.31 4.52 5.24
C ALA A 15 -1.42 3.83 6.26
N ILE A 16 -0.21 3.48 5.85
CA ILE A 16 0.73 2.81 6.74
C ILE A 16 1.59 3.83 7.47
N ALA A 17 2.05 4.84 6.75
CA ALA A 17 2.89 5.87 7.34
C ALA A 17 2.09 6.69 8.36
N PHE A 18 0.81 6.89 8.09
CA PHE A 18 -0.04 7.66 8.99
C PHE A 18 -0.13 6.97 10.34
N SER A 19 -0.29 5.64 10.32
CA SER A 19 -0.41 4.87 11.55
C SER A 19 0.92 4.87 12.29
N LEU A 20 1.98 5.32 11.62
CA LEU A 20 3.30 5.36 12.22
C LEU A 20 3.54 6.70 12.91
N GLY A 21 3.17 7.79 12.22
CA GLY A 21 3.35 9.12 12.78
C GLY A 21 2.12 9.56 13.57
N TYR A 22 1.02 8.84 13.38
CA TYR A 22 -0.22 9.16 14.07
C TYR A 22 0.01 9.31 15.57
N LEU A 23 0.99 8.56 16.10
CA LEU A 23 1.30 8.61 17.52
C LEU A 23 2.03 9.90 17.87
N LEU A 24 3.26 10.03 17.41
CA LEU A 24 4.05 11.22 17.71
C LEU A 24 3.40 12.46 17.11
N ASP A 25 2.25 12.27 16.46
CA ASP A 25 1.54 13.38 15.85
C ASP A 25 0.37 13.79 16.74
N LYS A 26 -0.24 12.81 17.40
CA LYS A 26 -1.37 13.08 18.29
C LYS A 26 -0.94 13.02 19.75
N LYS A 27 -0.30 11.92 20.13
CA LYS A 27 0.16 11.74 21.50
C LYS A 27 1.36 12.64 21.77
N LYS A 2 13.84 -5.05 -4.39
CA LYS A 2 12.42 -5.31 -4.14
C LYS A 2 11.92 -4.48 -2.97
N ASP A 3 12.79 -4.29 -1.97
CA ASP A 3 12.41 -3.50 -0.80
C ASP A 3 12.24 -2.03 -1.17
N GLN A 4 13.32 -1.42 -1.67
CA GLN A 4 13.27 -0.01 -2.06
C GLN A 4 12.04 0.27 -2.91
N PHE A 5 11.51 -0.78 -3.53
CA PHE A 5 10.32 -0.63 -4.36
C PHE A 5 9.06 -0.86 -3.54
N ILE A 6 9.07 -1.94 -2.76
CA ILE A 6 7.91 -2.27 -1.92
C ILE A 6 7.64 -1.16 -0.92
N ILE A 7 8.65 -0.87 -0.08
CA ILE A 7 8.50 0.17 0.92
C ILE A 7 8.00 1.46 0.28
N ALA A 8 8.52 1.76 -0.90
CA ALA A 8 8.13 2.97 -1.61
C ALA A 8 6.62 2.95 -1.85
N TYR A 9 6.06 1.75 -1.95
CA TYR A 9 4.62 1.61 -2.18
C TYR A 9 3.92 1.22 -0.89
N GLY A 10 4.49 1.65 0.24
CA GLY A 10 3.91 1.34 1.54
C GLY A 10 3.39 -0.08 1.58
N GLY A 11 3.98 -0.95 0.77
CA GLY A 11 3.55 -2.35 0.73
C GLY A 11 2.03 -2.47 0.67
N LEU A 12 1.37 -1.44 0.14
CA LEU A 12 -0.08 -1.45 0.04
C LEU A 12 -0.54 -2.60 -0.86
N ARG A 13 0.12 -2.74 -2.01
CA ARG A 13 -0.21 -3.81 -2.96
C ARG A 13 -1.70 -4.11 -2.96
N GLY A 14 -2.50 -3.16 -3.43
CA GLY A 14 -3.94 -3.33 -3.48
C GLY A 14 -4.49 -2.99 -4.85
N ALA A 15 -3.62 -2.48 -5.72
CA ALA A 15 -4.02 -2.12 -7.08
C ALA A 15 -3.52 -3.14 -8.08
N ILE A 16 -2.22 -3.38 -8.08
CA ILE A 16 -1.62 -4.36 -8.99
C ILE A 16 -2.37 -5.68 -8.92
N ALA A 17 -2.77 -6.07 -7.71
CA ALA A 17 -3.49 -7.32 -7.51
C ALA A 17 -4.80 -7.30 -8.30
N PHE A 18 -5.36 -6.12 -8.48
CA PHE A 18 -6.62 -5.98 -9.22
C PHE A 18 -6.34 -5.90 -10.72
N SER A 19 -5.35 -5.09 -11.09
CA SER A 19 -5.01 -4.94 -12.50
C SER A 19 -4.64 -6.28 -13.11
N LEU A 20 -4.16 -7.20 -12.28
CA LEU A 20 -3.78 -8.52 -12.76
C LEU A 20 -5.00 -9.43 -12.84
N GLY A 21 -5.83 -9.40 -11.81
CA GLY A 21 -7.03 -10.23 -11.79
C GLY A 21 -8.16 -9.58 -12.57
N TYR A 22 -7.88 -8.41 -13.15
CA TYR A 22 -8.88 -7.69 -13.92
C TYR A 22 -9.01 -8.28 -15.33
N LEU A 23 -7.89 -8.82 -15.83
CA LEU A 23 -7.89 -9.41 -17.17
C LEU A 23 -8.69 -10.71 -17.18
N LEU A 24 -8.09 -11.77 -16.65
CA LEU A 24 -8.75 -13.07 -16.62
C LEU A 24 -10.19 -12.93 -16.12
N ASP A 25 -10.49 -11.79 -15.50
CA ASP A 25 -11.83 -11.54 -14.99
C ASP A 25 -12.74 -11.03 -16.10
N LYS A 26 -12.21 -10.15 -16.94
CA LYS A 26 -12.99 -9.60 -18.04
C LYS A 26 -12.61 -10.26 -19.35
N LYS A 27 -11.31 -10.32 -19.63
CA LYS A 27 -10.82 -10.94 -20.86
C LYS A 27 -10.97 -12.45 -20.79
#